data_8TDX
#
_entry.id   8TDX
#
_cell.length_a   84.464
_cell.length_b   88.926
_cell.length_c   129.108
_cell.angle_alpha   90.000
_cell.angle_beta   90.000
_cell.angle_gamma   90.000
#
_symmetry.space_group_name_H-M   'P 21 21 21'
#
loop_
_entity.id
_entity.type
_entity.pdbx_description
1 polymer 'TRNM-b.01 Fab Heavy Chain'
2 polymer 'TRNM-b.01 Fab Light Chain'
3 polymer 'Env Fusion Peptide'
4 water water
#
loop_
_entity_poly.entity_id
_entity_poly.type
_entity_poly.pdbx_seq_one_letter_code
_entity_poly.pdbx_strand_id
1 'polypeptide(L)'
;QVQLQESGPGVVKPSETLSLTCEVSLHASRVGSYYWSWIRQSQGQRPEWMGGLYSDTGNTDYNPSLKSRVSLSRDMSKKQ
FFLNLRSVTATDTAVYFCVSRYVDHWTNRRFDVWGPGAQVTVTSASTKGPSVFPLAPSSRSTSESTAALGCLVKDYFPEP
VTVSWNSGSLTSGVHTFPAVLQSSGLYSLSSVVTVPSSSLGTQTYVCNVNHKPSNTKVDKRVEIKTC
;
A,B
2 'polypeptide(L)'
;DIQMTQSPSSLSASVGDRVTVTCRASLDINKDLNWYQQKPGKAPALLIYAASTLQTGVSSRFSGSGSGTQFTLTISSLQP
EDFATYYCLQDYSFPLTFGGGTKIDLKRTVAAPSVFIFPPSEDQVKSGTVSVVCLLNNFYPREASVKWKVDGALKTGNSQ
ESVTEQDSKDNTYSLSSTLTLSSTEYQSHKVYACEVTHQGLSSPVTKSFNRAA
;
C,D
3 'polypeptide(L)' AVGIGAVF F,E
#
# COMPACT_ATOMS: atom_id res chain seq x y z
N VAL A 2 -5.34 -14.68 -26.73
CA VAL A 2 -4.02 -14.18 -26.41
C VAL A 2 -4.08 -13.30 -25.16
N GLN A 3 -2.96 -13.22 -24.46
CA GLN A 3 -2.80 -12.30 -23.35
C GLN A 3 -1.31 -12.00 -23.23
N LEU A 4 -0.98 -10.76 -22.91
CA LEU A 4 0.38 -10.34 -22.67
C LEU A 4 0.54 -9.87 -21.23
N GLN A 5 1.75 -10.00 -20.68
CA GLN A 5 2.02 -9.57 -19.32
C GLN A 5 3.46 -9.08 -19.21
N GLU A 6 3.63 -7.84 -18.77
CA GLU A 6 4.95 -7.27 -18.54
C GLU A 6 5.49 -7.70 -17.18
N SER A 7 6.82 -7.77 -17.08
CA SER A 7 7.44 -8.19 -15.83
C SER A 7 8.84 -7.60 -15.73
N GLY A 8 9.22 -7.18 -14.53
CA GLY A 8 10.52 -6.62 -14.30
C GLY A 8 10.50 -5.57 -13.21
N PRO A 9 11.69 -5.09 -12.81
CA PRO A 9 11.77 -4.14 -11.70
C PRO A 9 10.98 -2.86 -11.94
N GLY A 10 10.31 -2.38 -10.89
CA GLY A 10 9.59 -1.12 -10.96
C GLY A 10 10.44 0.11 -10.69
N VAL A 11 11.67 -0.07 -10.21
CA VAL A 11 12.57 1.04 -9.88
C VAL A 11 13.91 0.77 -10.56
N VAL A 12 14.45 1.79 -11.22
CA VAL A 12 15.74 1.68 -11.92
C VAL A 12 16.56 2.91 -11.60
N LYS A 13 17.79 2.72 -11.13
CA LYS A 13 18.64 3.85 -10.82
C LYS A 13 19.06 4.56 -12.11
N PRO A 14 19.27 5.87 -12.06
CA PRO A 14 19.67 6.60 -13.26
C PRO A 14 21.00 6.10 -13.80
N SER A 15 21.14 6.17 -15.13
CA SER A 15 22.28 5.68 -15.89
C SER A 15 22.29 4.15 -16.03
N GLU A 16 21.49 3.46 -15.22
CA GLU A 16 21.43 2.01 -15.32
C GLU A 16 20.58 1.60 -16.52
N THR A 17 20.42 0.29 -16.71
CA THR A 17 19.69 -0.25 -17.85
C THR A 17 18.31 -0.73 -17.41
N LEU A 18 17.28 -0.25 -18.09
CA LEU A 18 15.90 -0.67 -17.83
C LEU A 18 15.62 -1.92 -18.64
N SER A 19 15.24 -3.00 -17.95
CA SER A 19 14.99 -4.29 -18.59
C SER A 19 13.60 -4.78 -18.20
N LEU A 20 12.84 -5.23 -19.19
CA LEU A 20 11.52 -5.81 -18.95
C LEU A 20 11.31 -7.02 -19.85
N THR A 21 10.49 -7.95 -19.36
CA THR A 21 10.07 -9.11 -20.12
C THR A 21 8.57 -9.01 -20.37
N CYS A 22 8.14 -9.59 -21.48
CA CYS A 22 6.73 -9.75 -21.81
C CYS A 22 6.47 -11.24 -21.98
N GLU A 23 5.54 -11.76 -21.19
CA GLU A 23 5.09 -13.14 -21.32
C GLU A 23 3.94 -13.18 -22.31
N VAL A 24 4.11 -13.89 -23.41
CA VAL A 24 3.13 -13.93 -24.50
C VAL A 24 2.40 -15.26 -24.42
N SER A 25 1.09 -15.21 -24.22
CA SER A 25 0.25 -16.40 -24.27
C SER A 25 -0.21 -16.66 -25.70
N LEU A 26 -0.26 -17.93 -26.07
CA LEU A 26 -0.68 -18.32 -27.41
C LEU A 26 -1.71 -19.45 -27.37
N ARG A 30 -2.11 -19.90 -34.94
CA ARG A 30 -1.23 -20.90 -34.35
C ARG A 30 -0.13 -21.29 -35.33
N VAL A 31 -0.04 -20.54 -36.43
CA VAL A 31 1.01 -20.75 -37.42
C VAL A 31 1.21 -19.44 -38.19
N GLY A 32 2.26 -18.70 -37.84
CA GLY A 32 2.52 -17.43 -38.49
C GLY A 32 3.55 -16.56 -37.79
N SER A 33 3.32 -15.25 -37.80
CA SER A 33 4.30 -14.30 -37.29
C SER A 33 3.55 -13.11 -36.70
N TYR A 34 4.01 -12.66 -35.53
CA TYR A 34 3.41 -11.53 -34.84
C TYR A 34 4.35 -10.34 -34.86
N TYR A 35 3.79 -9.14 -34.79
CA TYR A 35 4.58 -7.94 -34.56
C TYR A 35 4.41 -7.54 -33.10
N TRP A 36 5.50 -7.61 -32.35
CA TRP A 36 5.51 -7.29 -30.92
C TRP A 36 6.25 -5.99 -30.71
N SER A 37 5.59 -5.05 -30.02
CA SER A 37 6.17 -3.73 -29.77
C SER A 37 6.13 -3.42 -28.29
N TRP A 38 6.98 -2.49 -27.88
CA TRP A 38 6.89 -1.84 -26.59
C TRP A 38 6.42 -0.41 -26.79
N ILE A 39 5.33 -0.05 -26.13
CA ILE A 39 4.78 1.30 -26.16
C ILE A 39 4.70 1.79 -24.72
N ARG A 40 5.27 2.96 -24.46
CA ARG A 40 5.30 3.50 -23.11
C ARG A 40 4.52 4.81 -23.06
N GLN A 41 4.17 5.21 -21.84
CA GLN A 41 3.32 6.39 -21.67
C GLN A 41 3.55 6.97 -20.29
N SER A 42 4.07 8.20 -20.26
CA SER A 42 4.32 8.88 -19.01
C SER A 42 3.08 9.66 -18.58
N GLN A 43 3.00 9.95 -17.28
CA GLN A 43 1.79 10.56 -16.73
C GLN A 43 1.52 11.90 -17.40
N GLY A 44 0.27 12.09 -17.81
CA GLY A 44 -0.14 13.29 -18.51
C GLY A 44 0.32 13.40 -19.95
N GLN A 45 0.85 12.33 -20.53
CA GLN A 45 1.39 12.39 -21.89
C GLN A 45 0.76 11.31 -22.76
N ARG A 46 0.94 11.46 -24.07
CA ARG A 46 0.50 10.48 -25.04
C ARG A 46 1.44 9.27 -25.04
N PRO A 47 0.99 8.13 -25.57
CA PRO A 47 1.87 6.97 -25.67
C PRO A 47 2.99 7.20 -26.70
N GLU A 48 4.14 6.57 -26.45
CA GLU A 48 5.28 6.63 -27.35
C GLU A 48 5.65 5.21 -27.76
N TRP A 49 5.55 4.92 -29.06
CA TRP A 49 6.03 3.64 -29.59
C TRP A 49 7.55 3.63 -29.59
N MET A 50 8.14 2.69 -28.86
CA MET A 50 9.60 2.64 -28.73
C MET A 50 10.24 1.78 -29.82
N GLY A 51 9.54 0.79 -30.32
CA GLY A 51 10.12 -0.17 -31.24
C GLY A 51 9.30 -1.43 -31.28
N GLY A 52 9.52 -2.19 -32.34
CA GLY A 52 8.83 -3.46 -32.53
C GLY A 52 9.72 -4.44 -33.25
N LEU A 53 9.23 -5.67 -33.36
CA LEU A 53 9.90 -6.72 -34.13
C LEU A 53 8.87 -7.70 -34.65
N TYR A 54 9.23 -8.43 -35.70
CA TYR A 54 8.44 -9.57 -36.17
C TYR A 54 8.95 -10.82 -35.48
N SER A 55 8.02 -11.61 -34.95
CA SER A 55 8.41 -12.76 -34.13
C SER A 55 9.14 -13.82 -34.94
N ASP A 56 8.88 -13.92 -36.26
CA ASP A 56 9.49 -15.02 -37.00
C ASP A 56 10.94 -14.74 -37.36
N THR A 57 11.33 -13.47 -37.47
CA THR A 57 12.70 -13.11 -37.80
C THR A 57 13.44 -12.41 -36.67
N GLY A 58 12.74 -11.65 -35.84
CA GLY A 58 13.40 -10.80 -34.87
C GLY A 58 13.96 -9.52 -35.42
N ASN A 59 13.70 -9.20 -36.69
CA ASN A 59 14.12 -7.93 -37.27
C ASN A 59 13.40 -6.78 -36.60
N THR A 60 14.16 -5.79 -36.15
CA THR A 60 13.65 -4.73 -35.30
C THR A 60 13.48 -3.43 -36.06
N ASP A 61 12.50 -2.65 -35.63
CA ASP A 61 12.33 -1.26 -36.04
C ASP A 61 12.33 -0.43 -34.77
N TYR A 62 13.10 0.65 -34.74
CA TYR A 62 13.29 1.46 -33.55
C TYR A 62 12.82 2.89 -33.79
N ASN A 63 12.20 3.47 -32.77
CA ASN A 63 11.90 4.89 -32.80
C ASN A 63 13.19 5.69 -32.80
N PRO A 64 13.39 6.60 -33.76
CA PRO A 64 14.64 7.38 -33.79
C PRO A 64 14.92 8.17 -32.51
N SER A 65 13.88 8.55 -31.75
CA SER A 65 14.09 9.29 -30.51
C SER A 65 14.82 8.49 -29.45
N LEU A 66 15.04 7.19 -29.67
CA LEU A 66 15.77 6.35 -28.72
C LEU A 66 16.90 5.56 -29.33
N LYS A 67 16.85 5.26 -30.63
CA LYS A 67 17.58 4.18 -31.32
C LYS A 67 18.82 3.65 -30.61
N SER A 68 19.72 4.53 -30.19
CA SER A 68 20.96 4.06 -29.59
C SER A 68 20.73 3.32 -28.27
N ARG A 69 19.71 3.74 -27.51
CA ARG A 69 19.50 3.21 -26.16
C ARG A 69 18.61 1.99 -26.10
N VAL A 70 17.75 1.77 -27.08
CA VAL A 70 16.73 0.73 -27.01
C VAL A 70 17.21 -0.53 -27.71
N SER A 71 16.89 -1.69 -27.11
CA SER A 71 17.12 -2.99 -27.73
C SER A 71 15.89 -3.86 -27.49
N LEU A 72 15.48 -4.57 -28.54
CA LEU A 72 14.38 -5.53 -28.48
C LEU A 72 14.87 -6.90 -28.95
N SER A 73 14.29 -7.95 -28.38
CA SER A 73 14.57 -9.31 -28.81
C SER A 73 13.42 -10.19 -28.35
N ARG A 74 13.47 -11.46 -28.73
CA ARG A 74 12.40 -12.39 -28.38
C ARG A 74 12.99 -13.80 -28.31
N ASP A 75 12.33 -14.66 -27.54
CA ASP A 75 12.69 -16.07 -27.43
C ASP A 75 11.42 -16.88 -27.67
N MET A 76 11.28 -17.37 -28.89
CA MET A 76 10.06 -18.09 -29.29
C MET A 76 9.83 -19.32 -28.42
N SER A 77 10.91 -20.01 -28.02
CA SER A 77 10.76 -21.22 -27.23
C SER A 77 10.14 -20.92 -25.87
N LYS A 78 10.47 -19.77 -25.28
CA LYS A 78 9.92 -19.37 -24.00
C LYS A 78 8.69 -18.47 -24.13
N LYS A 79 8.28 -18.13 -25.34
CA LYS A 79 7.14 -17.23 -25.57
C LYS A 79 7.34 -15.91 -24.80
N GLN A 80 8.54 -15.38 -24.87
CA GLN A 80 8.93 -14.12 -24.24
C GLN A 80 9.46 -13.17 -25.29
N PHE A 81 9.30 -11.88 -25.05
CA PHE A 81 10.06 -10.91 -25.81
C PHE A 81 10.40 -9.75 -24.90
N PHE A 82 11.53 -9.13 -25.17
CA PHE A 82 12.24 -8.36 -24.16
C PHE A 82 12.45 -6.93 -24.59
N LEU A 83 12.62 -6.07 -23.59
CA LEU A 83 13.01 -4.67 -23.78
C LEU A 83 14.24 -4.39 -22.93
N ASN A 84 15.22 -3.73 -23.52
CA ASN A 84 16.33 -3.17 -22.76
C ASN A 84 16.45 -1.70 -23.12
N LEU A 85 16.43 -0.83 -22.11
CA LEU A 85 16.59 0.60 -22.31
C LEU A 85 17.80 1.04 -21.48
N ARG A 86 18.88 1.42 -22.17
CA ARG A 86 20.16 1.70 -21.54
C ARG A 86 20.24 3.14 -21.09
N SER A 87 21.05 3.37 -20.05
CA SER A 87 21.40 4.70 -19.56
C SER A 87 20.16 5.59 -19.40
N VAL A 88 19.24 5.11 -18.56
CA VAL A 88 17.97 5.79 -18.36
C VAL A 88 18.17 7.06 -17.52
N THR A 89 17.27 8.02 -17.73
CA THR A 89 17.15 9.19 -16.87
C THR A 89 15.73 9.28 -16.33
N ALA A 90 15.50 10.27 -15.46
CA ALA A 90 14.23 10.41 -14.78
C ALA A 90 13.07 10.54 -15.76
N THR A 91 13.32 11.08 -16.95
CA THR A 91 12.28 11.21 -17.97
C THR A 91 11.94 9.90 -18.65
N ASP A 92 12.66 8.81 -18.36
CA ASP A 92 12.23 7.49 -18.80
C ASP A 92 11.21 6.87 -17.86
N THR A 93 10.87 7.54 -16.78
CA THR A 93 9.77 7.12 -15.92
C THR A 93 8.48 7.10 -16.74
N ALA A 94 7.85 5.92 -16.83
CA ALA A 94 6.66 5.76 -17.64
C ALA A 94 6.01 4.42 -17.31
N VAL A 95 4.78 4.24 -17.79
CA VAL A 95 4.17 2.92 -17.85
C VAL A 95 4.56 2.28 -19.18
N TYR A 96 5.07 1.05 -19.13
CA TYR A 96 5.54 0.35 -20.31
C TYR A 96 4.55 -0.76 -20.65
N PHE A 97 4.02 -0.74 -21.87
CA PHE A 97 3.14 -1.78 -22.38
C PHE A 97 3.86 -2.59 -23.46
N CYS A 98 3.68 -3.91 -23.44
CA CYS A 98 3.99 -4.74 -24.59
C CYS A 98 2.69 -5.02 -25.33
N VAL A 99 2.72 -4.90 -26.66
CA VAL A 99 1.50 -5.02 -27.47
C VAL A 99 1.78 -5.86 -28.71
N SER A 100 0.80 -6.68 -29.08
CA SER A 100 0.91 -7.57 -30.23
C SER A 100 -0.10 -7.16 -31.30
N ARG A 101 0.36 -7.05 -32.54
CA ARG A 101 -0.45 -6.63 -33.68
C ARG A 101 -0.29 -7.65 -34.80
N TYR A 102 -1.39 -8.30 -35.18
CA TYR A 102 -1.37 -9.31 -36.25
C TYR A 102 -2.78 -9.53 -36.77
N VAL A 103 -2.90 -9.76 -38.09
CA VAL A 103 -4.19 -10.03 -38.71
C VAL A 103 -4.32 -11.52 -38.95
N ASP A 104 -5.44 -12.10 -38.52
CA ASP A 104 -5.79 -13.47 -38.89
C ASP A 104 -6.39 -13.41 -40.30
N HIS A 105 -5.63 -13.87 -41.29
CA HIS A 105 -6.08 -13.79 -42.67
C HIS A 105 -7.17 -14.81 -42.99
N TRP A 106 -7.37 -15.82 -42.12
CA TRP A 106 -8.46 -16.77 -42.34
C TRP A 106 -9.81 -16.17 -41.99
N THR A 107 -9.90 -15.50 -40.84
CA THR A 107 -11.12 -14.88 -40.37
C THR A 107 -11.21 -13.40 -40.67
N ASN A 108 -10.11 -12.78 -41.11
CA ASN A 108 -10.06 -11.34 -41.40
C ASN A 108 -10.28 -10.48 -40.17
N ARG A 109 -9.86 -10.97 -38.99
CA ARG A 109 -9.84 -10.15 -37.78
C ARG A 109 -8.47 -9.48 -37.60
N ARG A 110 -8.46 -8.35 -36.90
CA ARG A 110 -7.28 -7.49 -36.84
C ARG A 110 -6.40 -7.70 -35.61
N PHE A 111 -6.97 -7.96 -34.43
CA PHE A 111 -6.21 -8.28 -33.21
C PHE A 111 -5.17 -7.24 -32.77
N ASP A 112 -5.36 -6.71 -31.57
CA ASP A 112 -4.55 -5.62 -31.02
C ASP A 112 -4.49 -5.85 -29.50
N VAL A 113 -3.50 -6.62 -29.07
CA VAL A 113 -3.45 -7.14 -27.70
C VAL A 113 -2.41 -6.35 -26.91
N TRP A 114 -2.81 -5.78 -25.79
CA TRP A 114 -1.95 -5.03 -24.90
C TRP A 114 -1.83 -5.72 -23.56
N GLY A 115 -0.64 -5.67 -22.96
CA GLY A 115 -0.49 -6.05 -21.57
C GLY A 115 -1.13 -5.00 -20.67
N PRO A 116 -1.27 -5.31 -19.38
CA PRO A 116 -1.83 -4.31 -18.44
C PRO A 116 -0.90 -3.15 -18.19
N GLY A 117 0.40 -3.30 -18.50
CA GLY A 117 1.34 -2.21 -18.36
C GLY A 117 2.13 -2.26 -17.07
N ALA A 118 3.43 -1.98 -17.14
CA ALA A 118 4.30 -1.97 -15.98
C ALA A 118 4.83 -0.55 -15.77
N GLN A 119 4.51 0.03 -14.62
CA GLN A 119 5.11 1.31 -14.26
C GLN A 119 6.56 1.10 -13.86
N VAL A 120 7.46 1.88 -14.46
CA VAL A 120 8.86 1.88 -14.06
C VAL A 120 9.23 3.31 -13.69
N THR A 121 10.00 3.46 -12.62
CA THR A 121 10.35 4.78 -12.11
C THR A 121 11.87 4.87 -12.03
N VAL A 122 12.44 5.86 -12.70
CA VAL A 122 13.88 6.08 -12.71
C VAL A 122 14.21 7.07 -11.60
N THR A 123 14.94 6.61 -10.59
CA THR A 123 15.30 7.45 -9.46
C THR A 123 16.38 6.73 -8.65
N SER A 124 17.21 7.53 -7.98
CA SER A 124 18.20 7.01 -7.05
C SER A 124 17.64 6.84 -5.64
N ALA A 125 16.38 7.18 -5.42
CA ALA A 125 15.85 7.21 -4.07
C ALA A 125 15.65 5.80 -3.52
N SER A 126 15.82 5.68 -2.20
CA SER A 126 15.38 4.51 -1.45
C SER A 126 14.05 4.84 -0.79
N THR A 127 13.47 3.85 -0.11
CA THR A 127 12.22 4.07 0.59
C THR A 127 12.39 5.13 1.68
N LYS A 128 11.45 6.05 1.77
CA LYS A 128 11.54 7.19 2.68
C LYS A 128 10.15 7.73 2.97
N GLY A 129 9.90 8.04 4.23
CA GLY A 129 8.63 8.62 4.65
C GLY A 129 8.51 10.08 4.30
N PRO A 130 7.28 10.58 4.23
CA PRO A 130 7.06 11.95 3.73
C PRO A 130 7.25 13.01 4.80
N SER A 131 7.56 14.21 4.33
CA SER A 131 7.55 15.42 5.13
C SER A 131 6.31 16.24 4.77
N VAL A 132 5.63 16.78 5.78
CA VAL A 132 4.35 17.45 5.59
C VAL A 132 4.46 18.88 6.11
N PHE A 133 4.03 19.83 5.29
CA PHE A 133 4.03 21.24 5.65
C PHE A 133 2.64 21.83 5.44
N PRO A 134 2.19 22.71 6.33
CA PRO A 134 0.84 23.27 6.19
C PRO A 134 0.77 24.33 5.09
N LEU A 135 -0.36 24.32 4.39
CA LEU A 135 -0.72 25.40 3.49
C LEU A 135 -1.78 26.23 4.20
N ALA A 136 -1.35 27.31 4.84
CA ALA A 136 -2.26 28.04 5.71
C ALA A 136 -3.08 29.05 4.92
N PRO A 137 -4.38 29.17 5.22
CA PRO A 137 -5.17 30.26 4.63
C PRO A 137 -4.65 31.58 5.16
N SER A 138 -4.38 32.50 4.24
CA SER A 138 -3.75 33.77 4.60
C SER A 138 -4.70 34.58 5.49
N SER A 139 -4.13 35.50 6.26
CA SER A 139 -4.94 36.34 7.17
C SER A 139 -5.94 37.21 6.42
N ARG A 140 -5.55 37.78 5.28
CA ARG A 140 -6.42 38.69 4.56
C ARG A 140 -7.52 37.98 3.77
N SER A 141 -7.35 36.70 3.44
CA SER A 141 -8.39 35.99 2.68
C SER A 141 -9.66 35.72 3.50
N THR A 142 -9.80 36.35 4.68
CA THR A 142 -11.01 36.23 5.49
C THR A 142 -12.12 37.17 5.02
N SER A 143 -11.84 38.04 4.06
CA SER A 143 -12.89 38.92 3.53
C SER A 143 -13.94 38.12 2.77
N GLU A 144 -13.55 37.02 2.13
CA GLU A 144 -14.49 36.17 1.42
C GLU A 144 -15.16 35.20 2.38
N SER A 145 -16.17 34.49 1.88
CA SER A 145 -16.93 33.56 2.70
C SER A 145 -16.34 32.14 2.72
N THR A 146 -15.52 31.78 1.73
CA THR A 146 -14.94 30.46 1.63
C THR A 146 -13.43 30.55 1.79
N ALA A 147 -12.88 29.69 2.65
CA ALA A 147 -11.44 29.65 2.89
C ALA A 147 -10.85 28.38 2.28
N ALA A 148 -9.56 28.44 1.95
CA ALA A 148 -8.85 27.28 1.43
C ALA A 148 -7.61 27.04 2.27
N LEU A 149 -7.36 25.76 2.58
CA LEU A 149 -6.16 25.37 3.31
C LEU A 149 -5.72 24.01 2.79
N GLY A 150 -4.52 23.60 3.16
CA GLY A 150 -4.05 22.33 2.69
C GLY A 150 -2.75 21.92 3.35
N CYS A 151 -2.19 20.84 2.81
CA CYS A 151 -0.91 20.28 3.27
C CYS A 151 -0.08 19.94 2.06
N LEU A 152 1.19 20.31 2.09
CA LEU A 152 2.15 19.90 1.08
C LEU A 152 2.86 18.64 1.56
N VAL A 153 2.82 17.59 0.75
CA VAL A 153 3.39 16.30 1.08
C VAL A 153 4.53 16.04 0.11
N LYS A 154 5.73 15.83 0.63
CA LYS A 154 6.91 15.81 -0.23
C LYS A 154 7.97 14.87 0.34
N ASP A 155 8.97 14.58 -0.49
CA ASP A 155 10.18 13.87 -0.08
C ASP A 155 9.91 12.43 0.33
N TYR A 156 8.92 11.77 -0.26
CA TYR A 156 8.65 10.38 0.03
C TYR A 156 8.86 9.52 -1.21
N PHE A 157 9.07 8.23 -0.97
CA PHE A 157 9.25 7.23 -2.01
C PHE A 157 9.11 5.86 -1.38
N PRO A 158 8.43 4.91 -2.03
CA PRO A 158 7.73 5.03 -3.32
C PRO A 158 6.31 5.51 -3.12
N GLU A 159 5.51 5.58 -4.19
CA GLU A 159 4.07 5.70 -4.04
C GLU A 159 3.51 4.43 -3.39
N PRO A 160 2.32 4.50 -2.79
CA PRO A 160 1.45 5.66 -2.62
C PRO A 160 1.44 6.25 -1.22
N VAL A 161 0.87 7.45 -1.12
CA VAL A 161 0.49 8.06 0.14
C VAL A 161 -1.02 8.24 0.09
N THR A 162 -1.68 8.02 1.22
CA THR A 162 -3.09 8.38 1.36
C THR A 162 -3.19 9.58 2.30
N VAL A 163 -4.07 10.51 1.96
CA VAL A 163 -4.28 11.73 2.73
C VAL A 163 -5.73 11.77 3.16
N SER A 164 -5.95 12.05 4.45
CA SER A 164 -7.29 12.30 4.97
C SER A 164 -7.25 13.60 5.78
N TRP A 165 -8.44 14.07 6.14
CA TRP A 165 -8.58 15.29 6.92
C TRP A 165 -9.42 15.00 8.15
N ASN A 166 -8.89 15.38 9.32
CA ASN A 166 -9.57 15.15 10.60
C ASN A 166 -9.91 13.68 10.81
N SER A 167 -9.03 12.80 10.31
CA SER A 167 -9.14 11.35 10.46
C SER A 167 -10.38 10.78 9.77
N GLY A 168 -10.84 11.44 8.71
CA GLY A 168 -11.93 10.93 7.90
C GLY A 168 -13.24 11.69 8.04
N SER A 169 -13.40 12.48 9.10
CA SER A 169 -14.67 13.18 9.29
C SER A 169 -14.84 14.36 8.34
N LEU A 170 -13.76 14.88 7.76
CA LEU A 170 -13.82 15.95 6.77
C LEU A 170 -13.49 15.36 5.41
N THR A 171 -14.50 15.25 4.55
CA THR A 171 -14.34 14.78 3.17
C THR A 171 -14.90 15.75 2.15
N SER A 172 -15.91 16.53 2.51
CA SER A 172 -16.49 17.50 1.59
C SER A 172 -15.47 18.57 1.24
N GLY A 173 -15.32 18.83 -0.06
CA GLY A 173 -14.41 19.86 -0.52
C GLY A 173 -12.95 19.47 -0.54
N VAL A 174 -12.63 18.20 -0.28
CA VAL A 174 -11.23 17.76 -0.27
C VAL A 174 -10.77 17.50 -1.70
N HIS A 175 -9.57 17.95 -2.02
CA HIS A 175 -8.92 17.66 -3.30
C HIS A 175 -7.48 17.27 -3.02
N THR A 176 -7.13 16.03 -3.37
CA THR A 176 -5.77 15.55 -3.25
C THR A 176 -5.24 15.32 -4.65
N PHE A 177 -4.21 16.07 -5.02
CA PHE A 177 -3.70 16.04 -6.38
C PHE A 177 -2.80 14.83 -6.60
N PRO A 178 -2.67 14.38 -7.85
CA PRO A 178 -1.74 13.29 -8.16
C PRO A 178 -0.31 13.65 -7.76
N ALA A 179 0.43 12.64 -7.34
CA ALA A 179 1.84 12.83 -6.99
C ALA A 179 2.66 13.05 -8.25
N VAL A 180 3.73 13.82 -8.10
CA VAL A 180 4.64 14.14 -9.19
C VAL A 180 6.06 13.86 -8.73
N LEU A 181 6.83 13.15 -9.55
CA LEU A 181 8.22 12.87 -9.20
C LEU A 181 9.05 14.15 -9.38
N GLN A 182 9.71 14.55 -8.31
CA GLN A 182 10.52 15.76 -8.32
C GLN A 182 11.93 15.46 -8.81
N SER A 183 12.64 16.51 -9.19
CA SER A 183 14.04 16.36 -9.60
C SER A 183 14.89 15.77 -8.50
N SER A 184 14.45 15.86 -7.24
CA SER A 184 15.11 15.16 -6.15
C SER A 184 15.01 13.65 -6.28
N GLY A 185 14.18 13.14 -7.19
CA GLY A 185 13.94 11.71 -7.27
C GLY A 185 12.90 11.20 -6.31
N LEU A 186 12.18 12.09 -5.63
CA LEU A 186 11.12 11.70 -4.71
C LEU A 186 9.85 12.44 -5.10
N TYR A 187 8.75 12.06 -4.47
CA TYR A 187 7.42 12.52 -4.86
C TYR A 187 6.99 13.73 -4.03
N SER A 188 6.13 14.54 -4.62
CA SER A 188 5.51 15.66 -3.92
C SER A 188 4.08 15.82 -4.43
N LEU A 189 3.19 16.21 -3.52
CA LEU A 189 1.83 16.58 -3.88
C LEU A 189 1.29 17.51 -2.80
N SER A 190 0.15 18.11 -3.09
CA SER A 190 -0.63 18.86 -2.12
C SER A 190 -2.02 18.26 -2.02
N SER A 191 -2.60 18.39 -0.83
CA SER A 191 -4.01 18.09 -0.61
C SER A 191 -4.63 19.34 0.00
N VAL A 192 -5.76 19.78 -0.56
CA VAL A 192 -6.40 21.01 -0.12
C VAL A 192 -7.85 20.72 0.24
N VAL A 193 -8.49 21.70 0.86
CA VAL A 193 -9.91 21.62 1.20
C VAL A 193 -10.43 23.04 1.37
N THR A 194 -11.67 23.26 0.96
CA THR A 194 -12.35 24.54 1.19
C THR A 194 -13.32 24.39 2.36
N VAL A 195 -13.31 25.36 3.26
CA VAL A 195 -14.15 25.35 4.45
C VAL A 195 -14.75 26.73 4.61
N PRO A 196 -15.85 26.85 5.35
CA PRO A 196 -16.35 28.18 5.73
C PRO A 196 -15.29 28.93 6.52
N SER A 197 -14.99 30.15 6.07
CA SER A 197 -14.00 30.95 6.80
C SER A 197 -14.49 31.34 8.19
N SER A 198 -15.81 31.36 8.40
CA SER A 198 -16.34 31.58 9.74
C SER A 198 -15.97 30.44 10.69
N SER A 199 -15.76 29.23 10.16
CA SER A 199 -15.32 28.10 10.95
C SER A 199 -13.84 28.17 11.30
N LEU A 200 -13.07 29.03 10.64
CA LEU A 200 -11.69 29.27 11.03
C LEU A 200 -11.66 29.94 12.40
N GLY A 201 -11.01 29.29 13.37
CA GLY A 201 -10.95 29.77 14.74
C GLY A 201 -11.76 28.94 15.72
N THR A 202 -12.81 28.28 15.24
CA THR A 202 -13.60 27.37 16.06
C THR A 202 -13.39 25.91 15.69
N GLN A 203 -13.00 25.61 14.46
CA GLN A 203 -12.79 24.23 14.00
C GLN A 203 -11.30 23.98 13.84
N THR A 204 -10.83 22.85 14.37
CA THR A 204 -9.46 22.41 14.15
C THR A 204 -9.39 21.60 12.85
N TYR A 205 -8.29 21.77 12.13
CA TYR A 205 -8.10 21.08 10.86
C TYR A 205 -6.75 20.38 10.86
N VAL A 206 -6.76 19.07 10.64
CA VAL A 206 -5.55 18.25 10.62
C VAL A 206 -5.58 17.36 9.40
N CYS A 207 -4.46 17.29 8.69
CA CYS A 207 -4.30 16.36 7.57
C CYS A 207 -3.51 15.15 8.05
N ASN A 208 -4.00 13.97 7.69
CA ASN A 208 -3.38 12.71 8.09
C ASN A 208 -2.77 12.07 6.85
N VAL A 209 -1.45 11.88 6.87
CA VAL A 209 -0.69 11.38 5.74
C VAL A 209 -0.14 10.01 6.10
N ASN A 210 -0.56 8.98 5.37
CA ASN A 210 -0.18 7.60 5.61
C ASN A 210 0.72 7.13 4.48
N HIS A 211 1.87 6.56 4.83
CA HIS A 211 2.83 6.03 3.86
C HIS A 211 3.19 4.61 4.29
N LYS A 212 2.39 3.65 3.83
CA LYS A 212 2.62 2.26 4.19
C LYS A 212 4.00 1.73 3.83
N PRO A 213 4.58 2.02 2.65
CA PRO A 213 5.89 1.41 2.33
C PRO A 213 6.98 1.68 3.34
N SER A 214 7.00 2.84 3.98
CA SER A 214 7.94 3.14 5.04
C SER A 214 7.34 2.96 6.42
N ASN A 215 6.10 2.49 6.51
CA ASN A 215 5.37 2.37 7.77
C ASN A 215 5.40 3.69 8.54
N THR A 216 5.05 4.77 7.84
CA THR A 216 5.13 6.11 8.39
C THR A 216 3.75 6.77 8.32
N LYS A 217 3.38 7.45 9.39
CA LYS A 217 2.17 8.24 9.43
C LYS A 217 2.49 9.59 10.03
N VAL A 218 2.04 10.65 9.37
CA VAL A 218 2.32 12.03 9.80
C VAL A 218 1.00 12.77 9.90
N ASP A 219 0.82 13.51 10.99
CA ASP A 219 -0.30 14.40 11.17
C ASP A 219 0.22 15.84 11.25
N LYS A 220 -0.50 16.75 10.62
CA LYS A 220 -0.09 18.15 10.61
C LYS A 220 -1.32 19.04 10.78
N ARG A 221 -1.33 19.81 11.85
CA ARG A 221 -2.39 20.77 12.10
C ARG A 221 -2.17 22.01 11.22
N VAL A 222 -3.26 22.52 10.64
CA VAL A 222 -3.22 23.64 9.72
C VAL A 222 -4.05 24.77 10.33
N GLU A 223 -3.38 25.85 10.73
CA GLU A 223 -4.08 27.00 11.28
C GLU A 223 -3.64 28.28 10.58
N ILE A 224 -4.50 29.29 10.70
CA ILE A 224 -4.22 30.61 10.14
C ILE A 224 -3.04 31.24 10.86
N LYS A 225 -2.33 32.14 10.18
CA LYS A 225 -1.24 32.89 10.77
C LYS A 225 -1.78 34.25 11.21
N THR A 226 -2.08 34.37 12.49
CA THR A 226 -2.57 35.63 13.03
C THR A 226 -1.40 36.59 13.25
N CYS A 227 -1.53 37.79 12.70
CA CYS A 227 -0.44 38.78 12.75
C CYS A 227 -0.57 39.76 13.88
N ASP B 1 13.85 -12.46 -5.02
CA ASP B 1 12.62 -13.15 -4.64
C ASP B 1 11.40 -12.36 -5.05
N ILE B 2 10.25 -13.01 -5.10
CA ILE B 2 8.99 -12.37 -5.48
C ILE B 2 8.32 -11.81 -4.23
N GLN B 3 8.02 -10.52 -4.26
CA GLN B 3 7.41 -9.84 -3.13
C GLN B 3 5.91 -9.71 -3.36
N MET B 4 5.12 -10.22 -2.42
CA MET B 4 3.66 -10.15 -2.49
C MET B 4 3.17 -9.04 -1.58
N THR B 5 2.37 -8.13 -2.14
CA THR B 5 1.85 -6.97 -1.41
C THR B 5 0.35 -7.14 -1.28
N GLN B 6 -0.11 -7.39 -0.07
CA GLN B 6 -1.51 -7.66 0.21
C GLN B 6 -2.21 -6.41 0.74
N SER B 7 -3.49 -6.26 0.39
CA SER B 7 -4.25 -5.09 0.77
C SER B 7 -5.72 -5.45 1.00
N PRO B 8 -6.38 -4.87 2.02
CA PRO B 8 -5.83 -3.99 3.05
C PRO B 8 -5.22 -4.81 4.17
N SER B 9 -4.57 -4.20 5.15
CA SER B 9 -4.04 -4.99 6.26
C SER B 9 -5.17 -5.48 7.17
N SER B 10 -6.23 -4.69 7.33
CA SER B 10 -7.42 -5.12 8.04
C SER B 10 -8.62 -4.50 7.36
N LEU B 11 -9.78 -5.13 7.50
CA LEU B 11 -10.98 -4.52 6.97
C LEU B 11 -12.21 -4.99 7.74
N SER B 12 -13.16 -4.09 7.85
CA SER B 12 -14.40 -4.30 8.59
C SER B 12 -15.46 -4.86 7.66
N ALA B 13 -16.18 -5.87 8.15
CA ALA B 13 -17.19 -6.53 7.34
C ALA B 13 -18.36 -6.93 8.23
N SER B 14 -19.56 -6.78 7.71
CA SER B 14 -20.77 -7.27 8.36
C SER B 14 -21.18 -8.60 7.74
N VAL B 15 -21.88 -9.42 8.53
CA VAL B 15 -22.37 -10.69 8.03
C VAL B 15 -23.22 -10.46 6.79
N GLY B 16 -22.95 -11.23 5.73
CA GLY B 16 -23.67 -11.10 4.48
C GLY B 16 -23.02 -10.17 3.47
N ASP B 17 -22.02 -9.41 3.86
CA ASP B 17 -21.31 -8.53 2.93
C ASP B 17 -20.56 -9.37 1.89
N ARG B 18 -20.34 -8.76 0.73
CA ARG B 18 -19.39 -9.27 -0.25
C ARG B 18 -18.09 -8.52 -0.05
N VAL B 19 -17.01 -9.25 0.17
CA VAL B 19 -15.73 -8.68 0.57
C VAL B 19 -14.66 -9.17 -0.39
N THR B 20 -13.70 -8.29 -0.72
CA THR B 20 -12.57 -8.68 -1.55
C THR B 20 -11.26 -8.36 -0.85
N VAL B 21 -10.23 -9.14 -1.17
CA VAL B 21 -8.88 -8.90 -0.72
C VAL B 21 -7.96 -9.01 -1.94
N THR B 22 -7.00 -8.10 -2.04
CA THR B 22 -6.14 -8.06 -3.22
C THR B 22 -4.70 -8.41 -2.85
N CYS B 23 -3.99 -8.96 -3.84
CA CYS B 23 -2.60 -9.35 -3.67
C CYS B 23 -1.88 -9.02 -4.96
N ARG B 24 -0.78 -8.28 -4.87
CA ARG B 24 -0.01 -7.84 -6.03
C ARG B 24 1.38 -8.44 -5.98
N ALA B 25 1.83 -9.00 -7.10
CA ALA B 25 3.12 -9.64 -7.20
C ALA B 25 4.13 -8.72 -7.86
N SER B 26 5.36 -8.73 -7.34
CA SER B 26 6.41 -7.88 -7.89
C SER B 26 6.84 -8.31 -9.28
N LEU B 27 6.57 -9.55 -9.68
CA LEU B 27 6.87 -10.05 -11.00
C LEU B 27 5.71 -10.91 -11.48
N ASP B 28 5.72 -11.24 -12.77
CA ASP B 28 4.69 -12.10 -13.33
C ASP B 28 4.79 -13.49 -12.70
N ILE B 29 3.74 -13.90 -12.00
CA ILE B 29 3.68 -15.24 -11.44
C ILE B 29 2.61 -16.08 -12.14
N ASN B 30 2.09 -15.61 -13.28
CA ASN B 30 1.10 -16.34 -14.05
C ASN B 30 -0.15 -16.54 -13.21
N LYS B 31 -0.44 -17.79 -12.82
CA LYS B 31 -1.56 -18.10 -11.95
C LYS B 31 -1.13 -18.98 -10.78
N ASP B 32 0.15 -18.98 -10.44
CA ASP B 32 0.66 -19.75 -9.30
C ASP B 32 0.48 -18.96 -8.00
N LEU B 33 -0.79 -18.72 -7.66
CA LEU B 33 -1.15 -17.92 -6.50
C LEU B 33 -2.23 -18.63 -5.69
N ASN B 34 -2.02 -18.69 -4.38
CA ASN B 34 -2.89 -19.41 -3.47
C ASN B 34 -3.38 -18.50 -2.37
N TRP B 35 -4.59 -18.77 -1.88
CA TRP B 35 -5.18 -18.00 -0.79
C TRP B 35 -5.40 -18.90 0.41
N TYR B 36 -5.07 -18.39 1.59
CA TYR B 36 -5.14 -19.14 2.84
C TYR B 36 -5.99 -18.39 3.85
N GLN B 37 -6.67 -19.14 4.70
CA GLN B 37 -7.33 -18.61 5.89
C GLN B 37 -6.59 -19.11 7.13
N GLN B 38 -6.47 -18.26 8.14
CA GLN B 38 -5.85 -18.69 9.39
C GLN B 38 -6.65 -18.18 10.58
N LYS B 39 -6.98 -19.08 11.49
CA LYS B 39 -7.55 -18.75 12.78
C LYS B 39 -6.49 -18.86 13.86
N PRO B 40 -6.65 -18.13 14.98
CA PRO B 40 -5.58 -18.10 15.99
C PRO B 40 -5.26 -19.48 16.54
N GLY B 41 -3.97 -19.76 16.66
CA GLY B 41 -3.49 -21.04 17.13
C GLY B 41 -3.54 -22.17 16.13
N LYS B 42 -3.95 -21.91 14.89
CA LYS B 42 -4.14 -22.96 13.92
C LYS B 42 -3.24 -22.73 12.70
N ALA B 43 -2.99 -23.81 11.96
CA ALA B 43 -2.24 -23.69 10.73
C ALA B 43 -3.09 -23.00 9.67
N PRO B 44 -2.46 -22.28 8.73
CA PRO B 44 -3.20 -21.79 7.58
C PRO B 44 -3.87 -22.92 6.83
N ALA B 45 -5.04 -22.64 6.29
CA ALA B 45 -5.82 -23.61 5.52
C ALA B 45 -5.98 -23.10 4.09
N LEU B 46 -5.61 -23.94 3.13
CA LEU B 46 -5.69 -23.54 1.73
C LEU B 46 -7.14 -23.41 1.29
N LEU B 47 -7.48 -22.23 0.75
CA LEU B 47 -8.82 -21.95 0.21
C LEU B 47 -8.86 -22.08 -1.30
N ILE B 48 -7.92 -21.40 -1.97
CA ILE B 48 -7.87 -21.31 -3.43
C ILE B 48 -6.44 -21.59 -3.86
N TYR B 49 -6.27 -22.42 -4.89
CA TYR B 49 -4.97 -22.58 -5.51
C TYR B 49 -5.11 -22.36 -7.01
N ALA B 50 -3.96 -22.12 -7.66
CA ALA B 50 -3.92 -21.83 -9.09
C ALA B 50 -4.81 -20.65 -9.43
N ALA B 51 -4.80 -19.64 -8.56
CA ALA B 51 -5.53 -18.38 -8.72
C ALA B 51 -7.04 -18.53 -8.54
N SER B 52 -7.65 -19.59 -9.07
CA SER B 52 -9.11 -19.66 -9.04
C SER B 52 -9.69 -21.02 -8.69
N THR B 53 -8.90 -22.03 -8.36
CA THR B 53 -9.43 -23.36 -8.11
C THR B 53 -9.79 -23.51 -6.64
N LEU B 54 -11.05 -23.84 -6.37
CA LEU B 54 -11.51 -24.00 -4.99
C LEU B 54 -10.96 -25.29 -4.40
N GLN B 55 -10.30 -25.19 -3.26
CA GLN B 55 -9.75 -26.39 -2.65
C GLN B 55 -10.87 -27.28 -2.08
N THR B 56 -10.65 -28.59 -2.11
CA THR B 56 -11.63 -29.56 -1.65
C THR B 56 -12.05 -29.27 -0.21
N GLY B 57 -13.36 -29.29 0.03
CA GLY B 57 -13.90 -29.06 1.36
C GLY B 57 -14.06 -27.60 1.74
N VAL B 58 -13.68 -26.67 0.87
CA VAL B 58 -13.81 -25.24 1.15
C VAL B 58 -15.14 -24.76 0.58
N SER B 59 -15.80 -23.88 1.34
CA SER B 59 -17.08 -23.31 0.89
C SER B 59 -16.91 -22.54 -0.41
N SER B 60 -17.86 -22.74 -1.32
CA SER B 60 -17.84 -22.00 -2.59
C SER B 60 -18.13 -20.52 -2.44
N ARG B 61 -18.44 -20.03 -1.23
CA ARG B 61 -18.50 -18.58 -1.04
C ARG B 61 -17.14 -17.94 -1.26
N PHE B 62 -16.06 -18.73 -1.23
CA PHE B 62 -14.71 -18.24 -1.51
C PHE B 62 -14.39 -18.47 -2.97
N SER B 63 -13.95 -17.40 -3.65
CA SER B 63 -13.53 -17.51 -5.04
C SER B 63 -12.36 -16.57 -5.27
N GLY B 64 -11.46 -16.97 -6.16
CA GLY B 64 -10.30 -16.18 -6.49
C GLY B 64 -10.25 -15.90 -7.99
N SER B 65 -9.66 -14.77 -8.35
CA SER B 65 -9.51 -14.39 -9.74
C SER B 65 -8.19 -13.67 -9.92
N GLY B 66 -7.85 -13.39 -11.18
CA GLY B 66 -6.66 -12.65 -11.52
C GLY B 66 -5.59 -13.54 -12.12
N SER B 67 -4.58 -12.88 -12.68
CA SER B 67 -3.45 -13.56 -13.30
C SER B 67 -2.33 -12.53 -13.47
N GLY B 68 -1.12 -13.04 -13.71
CA GLY B 68 0.03 -12.18 -13.89
C GLY B 68 0.54 -11.59 -12.60
N THR B 69 0.09 -10.38 -12.26
CA THR B 69 0.56 -9.69 -11.07
C THR B 69 -0.56 -9.17 -10.18
N GLN B 70 -1.83 -9.31 -10.59
CA GLN B 70 -2.95 -8.79 -9.83
C GLN B 70 -3.94 -9.91 -9.55
N PHE B 71 -4.31 -10.09 -8.28
CA PHE B 71 -5.13 -11.21 -7.86
C PHE B 71 -6.12 -10.76 -6.79
N THR B 72 -7.28 -11.42 -6.77
CA THR B 72 -8.36 -11.04 -5.86
C THR B 72 -8.98 -12.28 -5.27
N LEU B 73 -9.18 -12.28 -3.94
CA LEU B 73 -10.01 -13.27 -3.27
C LEU B 73 -11.33 -12.61 -2.91
N THR B 74 -12.44 -13.30 -3.17
CA THR B 74 -13.76 -12.75 -2.93
C THR B 74 -14.55 -13.66 -2.01
N ILE B 75 -15.13 -13.09 -0.95
CA ILE B 75 -16.06 -13.81 -0.09
C ILE B 75 -17.45 -13.28 -0.42
N SER B 76 -18.28 -14.13 -1.01
CA SER B 76 -19.52 -13.66 -1.62
C SER B 76 -20.52 -13.19 -0.57
N SER B 77 -20.73 -13.98 0.48
CA SER B 77 -21.70 -13.66 1.53
C SER B 77 -21.07 -14.06 2.86
N LEU B 78 -20.38 -13.10 3.48
CA LEU B 78 -19.55 -13.41 4.64
C LEU B 78 -20.37 -13.97 5.80
N GLN B 79 -19.83 -15.00 6.44
CA GLN B 79 -20.43 -15.65 7.59
C GLN B 79 -19.54 -15.44 8.80
N PRO B 80 -20.07 -15.62 10.02
CA PRO B 80 -19.24 -15.42 11.22
C PRO B 80 -17.98 -16.25 11.25
N GLU B 81 -17.99 -17.47 10.70
CA GLU B 81 -16.79 -18.28 10.69
C GLU B 81 -15.72 -17.74 9.75
N ASP B 82 -16.01 -16.70 8.98
CA ASP B 82 -15.03 -16.13 8.07
C ASP B 82 -14.13 -15.09 8.72
N PHE B 83 -14.50 -14.60 9.90
CA PHE B 83 -13.66 -13.63 10.60
C PHE B 83 -12.33 -14.27 10.97
N ALA B 84 -11.25 -13.80 10.35
CA ALA B 84 -9.93 -14.42 10.47
C ALA B 84 -8.90 -13.57 9.76
N THR B 85 -7.68 -14.09 9.64
CA THR B 85 -6.63 -13.47 8.84
C THR B 85 -6.43 -14.30 7.57
N TYR B 86 -6.21 -13.61 6.45
CA TYR B 86 -6.06 -14.24 5.15
C TYR B 86 -4.71 -13.89 4.55
N TYR B 87 -4.09 -14.86 3.87
CA TYR B 87 -2.78 -14.69 3.27
C TYR B 87 -2.80 -15.21 1.84
N CYS B 88 -2.08 -14.53 0.95
CA CYS B 88 -1.77 -15.06 -0.36
C CYS B 88 -0.38 -15.67 -0.35
N LEU B 89 -0.17 -16.66 -1.23
CA LEU B 89 1.12 -17.33 -1.35
C LEU B 89 1.39 -17.55 -2.83
N GLN B 90 2.55 -17.09 -3.30
CA GLN B 90 2.93 -17.31 -4.69
C GLN B 90 3.66 -18.64 -4.82
N ASP B 91 3.26 -19.41 -5.84
CA ASP B 91 3.78 -20.74 -6.12
C ASP B 91 4.69 -20.78 -7.34
N TYR B 92 5.13 -19.62 -7.83
CA TYR B 92 5.72 -19.54 -9.17
C TYR B 92 7.20 -19.94 -9.16
N SER B 93 7.97 -19.40 -8.22
CA SER B 93 9.38 -19.70 -8.17
C SER B 93 9.83 -19.72 -6.72
N PHE B 94 10.95 -20.37 -6.48
CA PHE B 94 11.54 -20.37 -5.16
C PHE B 94 12.24 -19.04 -4.89
N PRO B 95 12.21 -18.56 -3.64
CA PRO B 95 11.53 -19.12 -2.47
C PRO B 95 10.03 -18.84 -2.51
N LEU B 96 9.18 -19.73 -2.02
CA LEU B 96 7.77 -19.38 -1.86
C LEU B 96 7.65 -18.21 -0.90
N THR B 97 6.77 -17.26 -1.22
CA THR B 97 6.65 -16.07 -0.40
C THR B 97 5.18 -15.73 -0.17
N PHE B 98 4.87 -15.28 1.03
CA PHE B 98 3.52 -14.94 1.45
C PHE B 98 3.31 -13.44 1.41
N GLY B 99 2.06 -13.04 1.22
CA GLY B 99 1.67 -11.66 1.44
C GLY B 99 1.64 -11.33 2.92
N GLY B 100 1.41 -10.05 3.20
CA GLY B 100 1.46 -9.55 4.56
C GLY B 100 0.23 -9.86 5.38
N GLY B 101 -0.86 -10.27 4.74
CA GLY B 101 -2.03 -10.71 5.47
C GLY B 101 -3.12 -9.65 5.52
N THR B 102 -4.35 -10.10 5.70
CA THR B 102 -5.52 -9.24 5.88
C THR B 102 -6.40 -9.83 6.96
N LYS B 103 -6.63 -9.08 8.03
CA LYS B 103 -7.50 -9.51 9.11
C LYS B 103 -8.90 -8.95 8.88
N ILE B 104 -9.87 -9.82 8.67
CA ILE B 104 -11.26 -9.44 8.49
C ILE B 104 -11.97 -9.60 9.83
N ASP B 105 -12.59 -8.52 10.32
CA ASP B 105 -13.27 -8.57 11.61
C ASP B 105 -14.70 -8.07 11.48
N LEU B 106 -15.44 -8.15 12.59
CA LEU B 106 -16.86 -7.82 12.61
C LEU B 106 -17.04 -6.31 12.70
N LYS B 107 -17.78 -5.75 11.76
CA LYS B 107 -17.96 -4.31 11.70
C LYS B 107 -18.92 -3.83 12.79
N ARG B 108 -18.58 -2.70 13.40
CA ARG B 108 -19.47 -1.99 14.31
C ARG B 108 -19.22 -0.51 14.11
N THR B 109 -19.95 0.32 14.87
CA THR B 109 -19.76 1.76 14.74
C THR B 109 -18.36 2.15 15.18
N VAL B 110 -17.88 3.28 14.65
CA VAL B 110 -16.59 3.82 15.05
C VAL B 110 -16.61 4.13 16.54
N ALA B 111 -15.56 3.71 17.23
CA ALA B 111 -15.40 3.94 18.66
C ALA B 111 -13.99 4.42 18.91
N ALA B 112 -13.86 5.65 19.39
CA ALA B 112 -12.54 6.22 19.60
C ALA B 112 -11.90 5.63 20.85
N PRO B 113 -10.59 5.39 20.84
CA PRO B 113 -9.93 4.86 22.04
C PRO B 113 -9.86 5.90 23.14
N SER B 114 -10.00 5.45 24.39
CA SER B 114 -9.56 6.23 25.53
C SER B 114 -8.06 5.98 25.72
N VAL B 115 -7.29 7.05 25.88
CA VAL B 115 -5.83 6.96 25.89
C VAL B 115 -5.33 7.33 27.27
N PHE B 116 -4.41 6.51 27.80
CA PHE B 116 -3.76 6.77 29.08
C PHE B 116 -2.28 6.44 28.94
N ILE B 117 -1.46 7.16 29.70
CA ILE B 117 -0.03 6.88 29.77
C ILE B 117 0.33 6.66 31.23
N PHE B 118 1.23 5.72 31.48
CA PHE B 118 1.61 5.30 32.83
C PHE B 118 3.10 5.51 33.03
N PRO B 119 3.51 6.57 33.75
CA PRO B 119 4.93 6.74 34.06
C PRO B 119 5.43 5.61 34.94
N PRO B 120 6.65 5.13 34.72
CA PRO B 120 7.19 4.06 35.56
C PRO B 120 7.36 4.51 37.00
N SER B 121 7.15 3.58 37.93
CA SER B 121 7.30 3.86 39.34
C SER B 121 8.77 3.95 39.71
N GLU B 122 9.04 4.51 40.90
CA GLU B 122 10.41 4.60 41.39
C GLU B 122 11.00 3.22 41.62
N ASP B 123 10.18 2.25 42.03
CA ASP B 123 10.70 0.88 42.17
C ASP B 123 11.21 0.36 40.84
N GLN B 124 10.53 0.70 39.75
CA GLN B 124 10.94 0.23 38.43
C GLN B 124 12.28 0.84 38.01
N VAL B 125 12.52 2.10 38.37
CA VAL B 125 13.76 2.78 37.95
C VAL B 125 14.97 2.12 38.60
N LYS B 126 14.87 1.77 39.89
CA LYS B 126 16.00 1.13 40.57
C LYS B 126 16.34 -0.22 39.99
N SER B 127 15.42 -0.84 39.24
CA SER B 127 15.68 -2.14 38.64
C SER B 127 16.65 -2.09 37.47
N GLY B 128 17.04 -0.90 37.02
CA GLY B 128 17.94 -0.75 35.90
C GLY B 128 17.25 -0.67 34.55
N THR B 129 16.02 -1.18 34.42
CA THR B 129 15.23 -1.04 33.20
C THR B 129 13.85 -0.51 33.57
N VAL B 130 13.28 0.31 32.69
CA VAL B 130 11.95 0.88 32.92
C VAL B 130 11.08 0.63 31.69
N SER B 131 9.77 0.59 31.94
CA SER B 131 8.77 0.42 30.89
C SER B 131 7.71 1.48 31.04
N VAL B 132 7.47 2.25 29.97
CA VAL B 132 6.40 3.23 29.93
C VAL B 132 5.25 2.62 29.14
N VAL B 133 4.08 2.53 29.76
CA VAL B 133 2.92 1.88 29.17
C VAL B 133 1.94 2.93 28.68
N CYS B 134 1.62 2.89 27.40
CA CYS B 134 0.56 3.69 26.80
C CYS B 134 -0.59 2.76 26.44
N LEU B 135 -1.80 3.11 26.89
CA LEU B 135 -2.98 2.27 26.74
C LEU B 135 -3.98 2.92 25.79
N LEU B 136 -4.48 2.13 24.83
CA LEU B 136 -5.59 2.50 23.96
C LEU B 136 -6.75 1.57 24.31
N ASN B 137 -7.83 2.12 24.85
CA ASN B 137 -8.89 1.31 25.43
C ASN B 137 -10.15 1.35 24.59
N ASN B 138 -10.64 0.18 24.19
CA ASN B 138 -11.98 -0.03 23.64
C ASN B 138 -12.23 0.83 22.40
N PHE B 139 -11.49 0.53 21.34
CA PHE B 139 -11.61 1.26 20.10
C PHE B 139 -11.97 0.35 18.93
N TYR B 140 -12.56 0.96 17.90
CA TYR B 140 -12.92 0.31 16.65
C TYR B 140 -12.96 1.42 15.60
N PRO B 141 -12.45 1.18 14.39
CA PRO B 141 -11.86 -0.07 13.84
C PRO B 141 -10.45 -0.36 14.36
N ARG B 142 -9.87 -1.48 13.90
CA ARG B 142 -8.57 -1.92 14.39
C ARG B 142 -7.47 -0.93 14.06
N GLU B 143 -7.55 -0.29 12.89
CA GLU B 143 -6.48 0.59 12.42
C GLU B 143 -6.23 1.72 13.42
N ALA B 144 -5.02 1.77 13.95
CA ALA B 144 -4.62 2.81 14.88
C ALA B 144 -3.13 3.06 14.72
N SER B 145 -2.72 4.30 14.99
CA SER B 145 -1.31 4.67 14.95
C SER B 145 -0.90 5.23 16.31
N VAL B 146 0.18 4.68 16.85
CA VAL B 146 0.77 5.12 18.11
C VAL B 146 2.21 5.54 17.82
N LYS B 147 2.55 6.75 18.21
CA LYS B 147 3.91 7.26 18.03
C LYS B 147 4.44 7.74 19.38
N TRP B 148 5.71 7.46 19.62
CA TRP B 148 6.39 7.90 20.84
C TRP B 148 7.22 9.14 20.54
N LYS B 149 7.05 10.16 21.37
CA LYS B 149 7.81 11.39 21.24
C LYS B 149 8.52 11.63 22.56
N VAL B 150 9.83 11.81 22.51
CA VAL B 150 10.65 12.01 23.70
C VAL B 150 11.28 13.39 23.61
N ASP B 151 10.98 14.23 24.60
CA ASP B 151 11.41 15.64 24.58
C ASP B 151 11.00 16.31 23.28
N GLY B 152 9.81 15.96 22.80
CA GLY B 152 9.25 16.57 21.62
C GLY B 152 9.64 15.92 20.31
N ALA B 153 10.67 15.08 20.29
CA ALA B 153 11.16 14.46 19.06
C ALA B 153 10.58 13.07 18.89
N LEU B 154 10.01 12.82 17.72
CA LEU B 154 9.54 11.47 17.40
C LEU B 154 10.73 10.52 17.36
N LYS B 155 10.61 9.41 18.09
CA LYS B 155 11.69 8.43 18.10
C LYS B 155 11.11 7.03 17.90
N THR B 156 11.83 6.23 17.13
CA THR B 156 11.38 4.92 16.69
C THR B 156 12.26 3.84 17.33
N GLY B 157 11.67 2.67 17.52
CA GLY B 157 12.34 1.59 18.22
C GLY B 157 12.01 1.58 19.70
N ASN B 158 12.26 0.44 20.33
CA ASN B 158 12.11 0.17 21.75
C ASN B 158 10.67 0.14 22.21
N SER B 159 9.70 0.31 21.32
CA SER B 159 8.29 0.20 21.68
C SER B 159 7.70 -1.06 21.07
N GLN B 160 6.86 -1.74 21.84
CA GLN B 160 6.15 -2.92 21.37
C GLN B 160 4.65 -2.72 21.55
N GLU B 161 3.87 -3.18 20.59
CA GLU B 161 2.42 -3.16 20.68
C GLU B 161 1.89 -4.57 20.95
N SER B 162 0.94 -4.65 21.86
CA SER B 162 0.22 -5.88 22.15
C SER B 162 -1.27 -5.56 22.09
N VAL B 163 -2.02 -6.39 21.39
CA VAL B 163 -3.42 -6.10 21.10
C VAL B 163 -4.27 -7.28 21.57
N THR B 164 -5.43 -6.97 22.14
CA THR B 164 -6.39 -8.01 22.46
C THR B 164 -7.20 -8.38 21.22
N GLU B 165 -7.85 -9.53 21.29
CA GLU B 165 -8.75 -9.92 20.22
C GLU B 165 -10.04 -9.11 20.31
N GLN B 166 -10.76 -9.02 19.20
CA GLN B 166 -12.00 -8.27 19.17
C GLN B 166 -12.94 -8.77 20.27
N ASP B 167 -13.38 -7.85 21.13
CA ASP B 167 -14.09 -8.26 22.33
C ASP B 167 -15.42 -8.92 21.97
N SER B 168 -15.75 -9.99 22.69
CA SER B 168 -16.93 -10.77 22.37
C SER B 168 -18.22 -9.97 22.60
N LYS B 169 -18.20 -9.03 23.55
CA LYS B 169 -19.40 -8.30 23.91
C LYS B 169 -19.56 -7.01 23.12
N ASP B 170 -18.56 -6.14 23.11
CA ASP B 170 -18.68 -4.83 22.49
C ASP B 170 -17.93 -4.69 21.17
N ASN B 171 -17.24 -5.74 20.72
CA ASN B 171 -16.61 -5.77 19.40
C ASN B 171 -15.53 -4.70 19.24
N THR B 172 -14.89 -4.31 20.33
CA THR B 172 -13.80 -3.34 20.28
C THR B 172 -12.47 -4.04 20.55
N TYR B 173 -11.39 -3.30 20.29
CA TYR B 173 -10.05 -3.70 20.65
C TYR B 173 -9.51 -2.82 21.76
N SER B 174 -8.50 -3.32 22.46
CA SER B 174 -7.66 -2.52 23.33
C SER B 174 -6.21 -2.87 23.05
N LEU B 175 -5.34 -1.88 23.19
CA LEU B 175 -3.97 -2.02 22.74
C LEU B 175 -3.03 -1.38 23.73
N SER B 176 -1.90 -2.04 23.98
CA SER B 176 -0.83 -1.48 24.79
C SER B 176 0.37 -1.22 23.90
N SER B 177 0.98 -0.06 24.07
CA SER B 177 2.25 0.27 23.44
C SER B 177 3.22 0.58 24.57
N THR B 178 4.23 -0.24 24.72
CA THR B 178 5.13 -0.18 25.87
C THR B 178 6.51 0.22 25.39
N LEU B 179 7.02 1.32 25.92
CA LEU B 179 8.37 1.80 25.63
C LEU B 179 9.28 1.30 26.73
N THR B 180 10.26 0.49 26.36
CA THR B 180 11.15 -0.15 27.34
C THR B 180 12.56 0.38 27.12
N LEU B 181 13.17 0.91 28.18
CA LEU B 181 14.48 1.54 28.09
C LEU B 181 15.29 1.19 29.32
N SER B 182 16.60 1.36 29.20
CA SER B 182 17.46 1.32 30.37
C SER B 182 17.17 2.51 31.26
N SER B 183 17.47 2.37 32.56
CA SER B 183 17.25 3.48 33.47
C SER B 183 18.15 4.66 33.12
N THR B 184 19.37 4.38 32.64
CA THR B 184 20.27 5.44 32.21
C THR B 184 19.65 6.25 31.07
N GLU B 185 19.13 5.56 30.06
CA GLU B 185 18.50 6.28 28.95
C GLU B 185 17.23 6.98 29.41
N TYR B 186 16.45 6.33 30.27
CA TYR B 186 15.23 6.95 30.77
C TYR B 186 15.53 8.28 31.45
N GLN B 187 16.56 8.32 32.29
CA GLN B 187 16.89 9.54 33.00
C GLN B 187 17.67 10.54 32.15
N SER B 188 17.96 10.20 30.90
CA SER B 188 18.62 11.14 30.00
C SER B 188 17.64 12.06 29.31
N HIS B 189 16.33 11.87 29.52
CA HIS B 189 15.31 12.71 28.92
C HIS B 189 14.26 13.03 29.98
N LYS B 190 13.44 14.05 29.70
CA LYS B 190 12.48 14.55 30.66
C LYS B 190 11.03 14.25 30.29
N VAL B 191 10.63 14.46 29.04
CA VAL B 191 9.24 14.37 28.61
C VAL B 191 9.06 13.13 27.75
N TYR B 192 8.05 12.32 28.08
CA TYR B 192 7.68 11.15 27.31
C TYR B 192 6.22 11.28 26.92
N ALA B 193 5.93 11.06 25.64
CA ALA B 193 4.59 11.30 25.10
C ALA B 193 4.25 10.21 24.11
N CYS B 194 3.07 9.60 24.26
CA CYS B 194 2.51 8.74 23.22
C CYS B 194 1.38 9.50 22.55
N GLU B 195 1.42 9.52 21.22
CA GLU B 195 0.46 10.27 20.41
C GLU B 195 -0.36 9.29 19.60
N VAL B 196 -1.68 9.40 19.69
CA VAL B 196 -2.60 8.41 19.14
C VAL B 196 -3.44 9.07 18.05
N THR B 197 -3.50 8.42 16.89
CA THR B 197 -4.37 8.83 15.80
C THR B 197 -5.31 7.69 15.48
N HIS B 198 -6.58 8.02 15.26
CA HIS B 198 -7.61 7.01 15.06
C HIS B 198 -8.78 7.65 14.36
N GLN B 199 -9.54 6.82 13.63
CA GLN B 199 -10.70 7.29 12.89
C GLN B 199 -11.67 8.06 13.79
N GLY B 200 -11.76 7.69 15.07
CA GLY B 200 -12.69 8.34 15.98
C GLY B 200 -12.20 9.61 16.64
N LEU B 201 -10.97 10.05 16.35
CA LEU B 201 -10.39 11.24 16.98
C LEU B 201 -10.14 12.29 15.90
N SER B 202 -10.91 13.38 15.96
CA SER B 202 -10.78 14.44 14.95
C SER B 202 -9.36 14.99 14.91
N SER B 203 -8.73 15.14 16.07
CA SER B 203 -7.33 15.53 16.18
C SER B 203 -6.56 14.46 16.94
N PRO B 204 -5.25 14.36 16.72
CA PRO B 204 -4.46 13.37 17.46
C PRO B 204 -4.54 13.64 18.95
N VAL B 205 -4.51 12.57 19.74
CA VAL B 205 -4.54 12.67 21.19
C VAL B 205 -3.15 12.34 21.73
N THR B 206 -2.53 13.29 22.40
CA THR B 206 -1.23 13.12 23.02
C THR B 206 -1.41 13.05 24.53
N LYS B 207 -0.90 11.99 25.15
CA LYS B 207 -0.79 11.89 26.60
C LYS B 207 0.70 11.84 26.94
N SER B 208 1.12 12.71 27.85
CA SER B 208 2.53 12.88 28.13
C SER B 208 2.74 13.14 29.61
N PHE B 209 3.98 12.96 30.05
CA PHE B 209 4.38 13.34 31.39
C PHE B 209 5.83 13.81 31.37
N ASN B 210 6.18 14.63 32.34
CA ASN B 210 7.55 15.02 32.61
C ASN B 210 7.99 14.26 33.86
N ARG B 211 9.17 13.62 33.77
CA ARG B 211 9.70 12.83 34.88
C ARG B 211 9.68 13.60 36.21
N ALA B 212 9.81 14.93 36.16
CA ALA B 212 9.94 15.74 37.36
C ALA B 212 8.74 16.66 37.59
N ALA B 213 7.70 16.56 36.78
CA ALA B 213 6.54 17.43 36.96
C ALA B 213 5.33 16.63 37.47
N ASP C 1 9.78 12.02 -38.99
CA ASP C 1 8.62 11.24 -38.59
C ASP C 1 7.33 12.03 -38.80
N ILE C 2 6.25 11.32 -39.11
CA ILE C 2 4.93 11.94 -39.15
C ILE C 2 4.44 12.17 -37.73
N GLN C 3 3.63 13.20 -37.53
CA GLN C 3 3.00 13.40 -36.23
C GLN C 3 1.55 13.82 -36.41
N MET C 4 0.70 13.24 -35.57
CA MET C 4 -0.70 13.60 -35.54
C MET C 4 -0.90 14.81 -34.66
N THR C 5 -1.76 15.72 -35.10
CA THR C 5 -2.20 16.84 -34.28
C THR C 5 -3.66 16.57 -33.92
N GLN C 6 -3.91 16.29 -32.65
CA GLN C 6 -5.25 15.94 -32.19
C GLN C 6 -5.97 17.19 -31.69
N SER C 7 -7.28 17.20 -31.92
CA SER C 7 -8.11 18.35 -31.62
C SER C 7 -9.51 17.87 -31.29
N PRO C 8 -10.10 18.37 -30.20
CA PRO C 8 -9.53 19.29 -29.22
C PRO C 8 -8.80 18.56 -28.10
N SER C 9 -7.98 19.25 -27.31
CA SER C 9 -7.31 18.61 -26.18
C SER C 9 -8.33 18.07 -25.18
N SER C 10 -9.42 18.79 -24.97
CA SER C 10 -10.56 18.29 -24.21
C SER C 10 -11.83 18.69 -24.93
N LEU C 11 -12.90 17.96 -24.70
CA LEU C 11 -14.18 18.32 -25.32
C LEU C 11 -15.32 17.96 -24.38
N SER C 12 -16.21 18.94 -24.18
CA SER C 12 -17.31 18.85 -23.23
C SER C 12 -18.56 18.34 -23.94
N ALA C 13 -19.21 17.36 -23.33
CA ALA C 13 -20.34 16.69 -23.97
C ALA C 13 -21.31 16.16 -22.93
N SER C 14 -22.58 16.07 -23.32
CA SER C 14 -23.64 15.50 -22.50
C SER C 14 -24.00 14.12 -23.01
N VAL C 15 -24.70 13.37 -22.14
CA VAL C 15 -25.03 11.99 -22.43
C VAL C 15 -26.02 11.96 -23.56
N GLY C 16 -25.66 11.38 -24.67
CA GLY C 16 -26.63 11.36 -25.73
C GLY C 16 -26.21 12.25 -26.87
N ASP C 17 -25.22 13.12 -26.65
CA ASP C 17 -24.71 13.97 -27.70
C ASP C 17 -24.05 13.19 -28.81
N ARG C 18 -23.99 13.84 -29.98
CA ARG C 18 -23.15 13.40 -31.08
C ARG C 18 -21.87 14.23 -31.08
N VAL C 19 -20.73 13.55 -30.99
CA VAL C 19 -19.47 14.18 -30.63
C VAL C 19 -18.40 13.79 -31.65
N THR C 20 -17.51 14.74 -31.96
CA THR C 20 -16.53 14.58 -33.02
C THR C 20 -15.14 14.87 -32.50
N VAL C 21 -14.21 13.95 -32.77
CA VAL C 21 -12.79 14.12 -32.45
C VAL C 21 -12.01 14.03 -33.76
N THR C 22 -11.04 14.93 -33.94
CA THR C 22 -10.32 15.02 -35.21
C THR C 22 -8.82 14.83 -35.01
N CYS C 23 -8.18 14.34 -36.06
CA CYS C 23 -6.75 14.04 -36.07
C CYS C 23 -6.18 14.55 -37.39
N ARG C 24 -5.06 15.25 -37.33
CA ARG C 24 -4.42 15.80 -38.53
C ARG C 24 -3.00 15.26 -38.66
N ALA C 25 -2.69 14.72 -39.83
CA ALA C 25 -1.37 14.17 -40.11
C ALA C 25 -0.49 15.22 -40.78
N SER C 26 0.80 15.20 -40.43
CA SER C 26 1.75 16.12 -41.05
C SER C 26 1.99 15.76 -42.52
N LEU C 27 1.95 14.46 -42.84
CA LEU C 27 2.09 13.96 -44.19
C LEU C 27 0.86 13.14 -44.56
N ASP C 28 0.79 12.75 -45.84
CA ASP C 28 -0.28 11.88 -46.30
C ASP C 28 -0.07 10.47 -45.75
N ILE C 29 -1.07 9.95 -45.04
CA ILE C 29 -0.97 8.64 -44.40
C ILE C 29 -2.03 7.67 -44.93
N ASN C 30 -2.61 7.97 -46.09
CA ASN C 30 -3.59 7.10 -46.75
C ASN C 30 -4.77 6.91 -45.80
N LYS C 31 -5.13 5.68 -45.43
CA LYS C 31 -6.13 5.42 -44.40
C LYS C 31 -5.56 4.61 -43.24
N ASP C 32 -4.24 4.68 -43.03
CA ASP C 32 -3.58 3.91 -41.97
C ASP C 32 -3.61 4.68 -40.65
N LEU C 33 -4.82 4.89 -40.15
CA LEU C 33 -5.05 5.58 -38.89
C LEU C 33 -5.95 4.74 -37.99
N ASN C 34 -5.62 4.71 -36.72
CA ASN C 34 -6.38 3.95 -35.73
C ASN C 34 -6.83 4.86 -34.61
N TRP C 35 -7.98 4.53 -34.01
CA TRP C 35 -8.54 5.28 -32.90
C TRP C 35 -8.55 4.41 -31.66
N TYR C 36 -8.11 4.98 -30.53
CA TYR C 36 -8.02 4.27 -29.26
C TYR C 36 -8.84 4.97 -28.20
N GLN C 37 -9.46 4.19 -27.34
CA GLN C 37 -10.06 4.68 -26.10
C GLN C 37 -9.17 4.26 -24.95
N GLN C 38 -8.94 5.17 -24.01
CA GLN C 38 -8.15 4.85 -22.82
C GLN C 38 -8.86 5.37 -21.57
N LYS C 39 -9.03 4.48 -20.61
CA LYS C 39 -9.50 4.85 -19.30
C LYS C 39 -8.35 4.81 -18.30
N PRO C 40 -8.43 5.57 -17.20
CA PRO C 40 -7.28 5.71 -16.30
C PRO C 40 -6.81 4.37 -15.74
N GLY C 41 -5.49 4.18 -15.76
CA GLY C 41 -4.89 2.97 -15.27
C GLY C 41 -4.95 1.80 -16.22
N LYS C 42 -5.56 1.96 -17.39
CA LYS C 42 -5.79 0.87 -18.32
C LYS C 42 -5.02 1.10 -19.61
N ALA C 43 -4.75 0.00 -20.32
CA ALA C 43 -4.17 0.11 -21.65
C ALA C 43 -5.18 0.72 -22.63
N PRO C 44 -4.71 1.44 -23.64
CA PRO C 44 -5.64 1.88 -24.70
C PRO C 44 -6.28 0.68 -25.37
N ALA C 45 -7.56 0.83 -25.73
CA ALA C 45 -8.30 -0.19 -26.44
C ALA C 45 -8.63 0.28 -27.85
N LEU C 46 -8.43 -0.59 -28.83
CA LEU C 46 -8.61 -0.22 -30.23
C LEU C 46 -10.10 -0.16 -30.57
N LEU C 47 -10.55 0.98 -31.08
CA LEU C 47 -11.93 1.17 -31.49
C LEU C 47 -12.10 1.05 -33.00
N ILE C 48 -11.27 1.77 -33.75
CA ILE C 48 -11.35 1.84 -35.20
C ILE C 48 -9.94 1.68 -35.75
N TYR C 49 -9.81 0.89 -36.81
CA TYR C 49 -8.56 0.78 -37.54
C TYR C 49 -8.84 0.96 -39.03
N ALA C 50 -7.78 1.22 -39.79
CA ALA C 50 -7.92 1.54 -41.21
C ALA C 50 -8.94 2.65 -41.43
N ALA C 51 -8.88 3.67 -40.57
CA ALA C 51 -9.67 4.89 -40.68
C ALA C 51 -11.16 4.70 -40.40
N SER C 52 -11.75 3.58 -40.84
CA SER C 52 -13.20 3.43 -40.73
C SER C 52 -13.69 2.06 -40.31
N THR C 53 -12.82 1.07 -40.14
CA THR C 53 -13.24 -0.28 -39.77
C THR C 53 -13.41 -0.38 -38.26
N LEU C 54 -14.59 -0.85 -37.83
CA LEU C 54 -14.90 -0.98 -36.42
C LEU C 54 -14.31 -2.29 -35.89
N GLN C 55 -13.50 -2.20 -34.84
CA GLN C 55 -12.89 -3.39 -34.27
C GLN C 55 -13.94 -4.27 -33.58
N THR C 56 -13.66 -5.57 -33.55
CA THR C 56 -14.59 -6.54 -32.98
C THR C 56 -14.93 -6.18 -31.54
N GLY C 57 -16.21 -6.31 -31.20
CA GLY C 57 -16.67 -6.07 -29.85
C GLY C 57 -16.87 -4.61 -29.49
N VAL C 58 -16.52 -3.68 -30.35
CA VAL C 58 -16.71 -2.27 -30.07
C VAL C 58 -18.12 -1.87 -30.45
N SER C 59 -18.74 -1.02 -29.64
CA SER C 59 -20.10 -0.59 -29.91
C SER C 59 -20.18 0.16 -31.23
N SER C 60 -21.32 0.01 -31.92
CA SER C 60 -21.50 0.55 -33.26
C SER C 60 -21.64 2.07 -33.29
N ARG C 61 -21.90 2.75 -32.17
CA ARG C 61 -21.96 4.21 -32.23
C ARG C 61 -20.59 4.84 -32.42
N PHE C 62 -19.51 4.06 -32.35
CA PHE C 62 -18.20 4.55 -32.73
C PHE C 62 -18.01 4.41 -34.23
N SER C 63 -17.54 5.47 -34.87
CA SER C 63 -17.33 5.44 -36.32
C SER C 63 -16.20 6.40 -36.66
N GLY C 64 -15.49 6.09 -37.73
CA GLY C 64 -14.38 6.91 -38.17
C GLY C 64 -14.47 7.19 -39.66
N SER C 65 -13.90 8.33 -40.06
CA SER C 65 -13.87 8.71 -41.46
C SER C 65 -12.63 9.55 -41.72
N GLY C 66 -12.41 9.88 -42.98
CA GLY C 66 -11.27 10.65 -43.40
C GLY C 66 -10.25 9.81 -44.14
N SER C 67 -9.32 10.51 -44.77
CA SER C 67 -8.22 9.90 -45.52
C SER C 67 -7.26 11.00 -45.91
N GLY C 68 -6.01 10.61 -46.16
CA GLY C 68 -4.97 11.57 -46.47
C GLY C 68 -4.32 12.14 -45.22
N THR C 69 -4.82 13.29 -44.75
CA THR C 69 -4.31 13.90 -43.53
C THR C 69 -5.38 14.26 -42.51
N GLN C 70 -6.65 14.32 -42.88
CA GLN C 70 -7.72 14.74 -41.99
C GLN C 70 -8.61 13.54 -41.67
N PHE C 71 -8.74 13.24 -40.37
CA PHE C 71 -9.50 12.08 -39.92
C PHE C 71 -10.41 12.48 -38.77
N THR C 72 -11.53 11.78 -38.65
CA THR C 72 -12.54 12.13 -37.67
C THR C 72 -13.07 10.88 -36.99
N LEU C 73 -13.15 10.92 -35.66
CA LEU C 73 -13.84 9.90 -34.89
C LEU C 73 -15.13 10.49 -34.34
N THR C 74 -16.24 9.80 -34.57
CA THR C 74 -17.56 10.29 -34.15
C THR C 74 -18.19 9.30 -33.19
N ILE C 75 -18.65 9.80 -32.06
CA ILE C 75 -19.43 9.03 -31.08
C ILE C 75 -20.86 9.49 -31.20
N SER C 76 -21.75 8.61 -31.68
CA SER C 76 -23.07 9.04 -32.13
C SER C 76 -23.97 9.43 -30.96
N SER C 77 -24.09 8.56 -29.97
CA SER C 77 -24.95 8.81 -28.80
C SER C 77 -24.12 8.53 -27.55
N LEU C 78 -23.39 9.55 -27.11
CA LEU C 78 -22.44 9.39 -26.01
C LEU C 78 -23.14 8.85 -24.77
N GLN C 79 -22.53 7.84 -24.15
CA GLN C 79 -22.98 7.21 -22.91
C GLN C 79 -21.97 7.49 -21.80
N PRO C 80 -22.35 7.29 -20.54
CA PRO C 80 -21.40 7.53 -19.44
C PRO C 80 -20.08 6.78 -19.58
N GLU C 81 -20.09 5.59 -20.15
CA GLU C 81 -18.85 4.82 -20.29
C GLU C 81 -17.92 5.40 -21.35
N ASP C 82 -18.37 6.37 -22.15
CA ASP C 82 -17.53 6.97 -23.18
C ASP C 82 -16.60 8.05 -22.63
N PHE C 83 -16.87 8.54 -21.41
CA PHE C 83 -15.99 9.53 -20.79
C PHE C 83 -14.62 8.92 -20.58
N ALA C 84 -13.64 9.41 -21.34
CA ALA C 84 -12.31 8.82 -21.38
C ALA C 84 -11.42 9.74 -22.21
N THR C 85 -10.16 9.34 -22.34
CA THR C 85 -9.24 9.97 -23.27
C THR C 85 -9.16 9.12 -24.53
N TYR C 86 -9.06 9.79 -25.68
CA TYR C 86 -8.98 9.12 -26.96
C TYR C 86 -7.74 9.55 -27.69
N TYR C 87 -7.08 8.60 -28.34
CA TYR C 87 -5.87 8.86 -29.11
C TYR C 87 -6.06 8.34 -30.52
N CYS C 88 -5.54 9.08 -31.50
CA CYS C 88 -5.35 8.53 -32.83
C CYS C 88 -3.93 8.02 -32.95
N LEU C 89 -3.73 7.04 -33.83
CA LEU C 89 -2.44 6.40 -34.03
C LEU C 89 -2.25 6.15 -35.51
N GLN C 90 -1.18 6.69 -36.09
CA GLN C 90 -0.85 6.40 -37.48
C GLN C 90 0.10 5.21 -37.53
N ASP C 91 -0.15 4.29 -38.46
CA ASP C 91 0.79 3.22 -38.72
C ASP C 91 1.06 3.14 -40.22
N TYR C 92 1.11 4.29 -40.87
CA TYR C 92 1.48 4.35 -42.28
C TYR C 92 2.99 4.17 -42.47
N SER C 93 3.79 4.67 -41.53
CA SER C 93 5.23 4.51 -41.63
C SER C 93 5.83 4.49 -40.23
N PHE C 94 7.06 4.06 -40.16
CA PHE C 94 7.78 4.02 -38.89
C PHE C 94 8.44 5.38 -38.62
N PRO C 95 8.49 5.82 -37.35
CA PRO C 95 7.94 5.16 -36.15
C PRO C 95 6.44 5.37 -36.04
N LEU C 96 5.71 4.43 -35.46
CA LEU C 96 4.31 4.67 -35.12
C LEU C 96 4.24 5.87 -34.18
N THR C 97 3.32 6.79 -34.47
CA THR C 97 3.19 7.99 -33.66
C THR C 97 1.73 8.19 -33.27
N PHE C 98 1.52 8.66 -32.04
CA PHE C 98 0.19 8.90 -31.50
C PHE C 98 -0.14 10.39 -31.52
N GLY C 99 -1.43 10.70 -31.60
CA GLY C 99 -1.89 12.05 -31.40
C GLY C 99 -1.73 12.47 -29.94
N GLY C 100 -2.09 13.73 -29.69
CA GLY C 100 -1.92 14.30 -28.36
C GLY C 100 -3.01 13.94 -27.37
N GLY C 101 -4.13 13.43 -27.85
CA GLY C 101 -5.17 12.98 -26.94
C GLY C 101 -6.33 13.95 -26.86
N THR C 102 -7.51 13.41 -26.59
CA THR C 102 -8.73 14.19 -26.41
C THR C 102 -9.48 13.60 -25.23
N LYS C 103 -9.57 14.35 -24.15
CA LYS C 103 -10.32 13.91 -22.98
C LYS C 103 -11.75 14.40 -23.11
N ILE C 104 -12.69 13.46 -23.26
CA ILE C 104 -14.11 13.79 -23.34
C ILE C 104 -14.69 13.65 -21.94
N ASP C 105 -15.27 14.73 -21.42
CA ASP C 105 -15.79 14.72 -20.06
C ASP C 105 -17.26 15.17 -20.06
N LEU C 106 -17.86 15.15 -18.88
CA LEU C 106 -19.27 15.45 -18.72
C LEU C 106 -19.50 16.96 -18.75
N LYS C 107 -20.44 17.40 -19.58
CA LYS C 107 -20.76 18.81 -19.70
C LYS C 107 -21.49 19.32 -18.47
N ARG C 108 -21.16 20.55 -18.07
CA ARG C 108 -21.84 21.20 -16.97
C ARG C 108 -21.67 22.70 -17.16
N THR C 109 -22.43 23.47 -16.37
CA THR C 109 -22.40 24.91 -16.54
C THR C 109 -21.03 25.47 -16.17
N VAL C 110 -20.63 26.52 -16.88
CA VAL C 110 -19.30 27.08 -16.69
C VAL C 110 -19.13 27.56 -15.25
N ALA C 111 -17.98 27.23 -14.66
CA ALA C 111 -17.63 27.67 -13.31
C ALA C 111 -16.23 28.24 -13.35
N ALA C 112 -16.11 29.52 -13.03
CA ALA C 112 -14.80 30.13 -12.91
C ALA C 112 -14.07 29.56 -11.70
N PRO C 113 -12.74 29.42 -11.77
CA PRO C 113 -12.00 28.93 -10.60
C PRO C 113 -11.93 29.98 -9.50
N SER C 114 -12.05 29.52 -8.25
CA SER C 114 -11.62 30.32 -7.12
C SER C 114 -10.13 30.11 -6.93
N VAL C 115 -9.38 31.20 -6.84
CA VAL C 115 -7.92 31.16 -6.84
C VAL C 115 -7.42 31.47 -5.44
N PHE C 116 -6.45 30.69 -4.98
CA PHE C 116 -5.78 30.95 -3.70
C PHE C 116 -4.29 30.72 -3.91
N ILE C 117 -3.46 31.52 -3.24
CA ILE C 117 -2.01 31.35 -3.28
C ILE C 117 -1.51 31.13 -1.86
N PHE C 118 -0.58 30.20 -1.72
CA PHE C 118 -0.07 29.80 -0.41
C PHE C 118 1.42 30.09 -0.31
N PRO C 119 1.84 31.04 0.53
CA PRO C 119 3.27 31.18 0.80
C PRO C 119 3.76 30.01 1.63
N PRO C 120 5.04 29.66 1.53
CA PRO C 120 5.57 28.58 2.36
C PRO C 120 5.60 28.99 3.83
N SER C 121 5.35 28.02 4.71
CA SER C 121 5.45 28.27 6.13
C SER C 121 6.91 28.46 6.55
N GLU C 122 7.10 29.05 7.73
CA GLU C 122 8.46 29.23 8.21
C GLU C 122 9.16 27.90 8.43
N ASP C 123 8.41 26.86 8.82
CA ASP C 123 8.99 25.54 8.97
C ASP C 123 9.65 25.06 7.69
N GLN C 124 8.99 25.27 6.54
CA GLN C 124 9.59 24.83 5.28
C GLN C 124 10.72 25.77 4.85
N VAL C 125 10.62 27.06 5.15
CA VAL C 125 11.71 27.97 4.82
C VAL C 125 13.00 27.54 5.50
N LYS C 126 12.91 27.09 6.75
CA LYS C 126 14.09 26.66 7.48
C LYS C 126 14.68 25.36 6.93
N SER C 127 13.93 24.62 6.11
CA SER C 127 14.44 23.35 5.57
C SER C 127 15.37 23.54 4.38
N GLY C 128 15.45 24.75 3.80
CA GLY C 128 16.34 25.03 2.71
C GLY C 128 15.71 25.01 1.33
N THR C 129 14.54 24.43 1.19
CA THR C 129 13.82 24.43 -0.08
C THR C 129 12.33 24.63 0.22
N VAL C 130 11.70 25.49 -0.57
CA VAL C 130 10.31 25.89 -0.30
C VAL C 130 9.46 25.57 -1.52
N SER C 131 8.15 25.55 -1.29
CA SER C 131 7.16 25.43 -2.35
C SER C 131 6.19 26.59 -2.24
N VAL C 132 5.85 27.18 -3.39
CA VAL C 132 4.78 28.17 -3.48
C VAL C 132 3.66 27.54 -4.29
N VAL C 133 2.47 27.43 -3.69
CA VAL C 133 1.34 26.73 -4.28
C VAL C 133 0.27 27.73 -4.68
N CYS C 134 -0.10 27.72 -5.97
CA CYS C 134 -1.27 28.44 -6.46
C CYS C 134 -2.35 27.41 -6.75
N LEU C 135 -3.56 27.66 -6.24
CA LEU C 135 -4.66 26.71 -6.34
C LEU C 135 -5.80 27.33 -7.15
N LEU C 136 -6.25 26.59 -8.17
CA LEU C 136 -7.44 26.93 -8.95
C LEU C 136 -8.49 25.89 -8.59
N ASN C 137 -9.56 26.32 -7.90
CA ASN C 137 -10.47 25.39 -7.26
C ASN C 137 -11.83 25.36 -7.95
N ASN C 138 -12.30 24.16 -8.26
CA ASN C 138 -13.68 23.89 -8.68
C ASN C 138 -14.08 24.72 -9.90
N PHE C 139 -13.38 24.47 -11.01
CA PHE C 139 -13.67 25.19 -12.24
C PHE C 139 -14.10 24.24 -13.35
N TYR C 140 -14.68 24.84 -14.41
CA TYR C 140 -15.15 24.11 -15.57
C TYR C 140 -15.36 25.09 -16.72
N PRO C 141 -14.92 24.77 -17.95
CA PRO C 141 -14.30 23.51 -18.41
C PRO C 141 -12.84 23.35 -17.99
N ARG C 142 -12.17 22.29 -18.47
CA ARG C 142 -10.82 21.96 -18.03
C ARG C 142 -9.82 23.04 -18.41
N GLU C 143 -9.95 23.60 -19.60
CA GLU C 143 -9.42 24.91 -19.99
C GLU C 143 -8.88 25.74 -18.83
N ALA C 144 -7.56 25.94 -18.77
CA ALA C 144 -6.99 26.76 -17.71
C ALA C 144 -5.53 27.09 -17.99
N SER C 145 -5.15 28.36 -17.82
CA SER C 145 -3.77 28.79 -17.99
C SER C 145 -3.35 29.58 -16.78
N VAL C 146 -2.15 29.29 -16.27
CA VAL C 146 -1.59 29.94 -15.09
C VAL C 146 -0.28 30.58 -15.49
N LYS C 147 -0.12 31.85 -15.14
CA LYS C 147 1.13 32.57 -15.37
C LYS C 147 1.67 33.06 -14.04
N TRP C 148 2.99 32.96 -13.87
CA TRP C 148 3.67 33.33 -12.64
C TRP C 148 4.41 34.65 -12.85
N LYS C 149 4.18 35.59 -11.94
CA LYS C 149 4.82 36.91 -11.99
C LYS C 149 5.46 37.16 -10.63
N VAL C 150 6.77 37.39 -10.63
CA VAL C 150 7.50 37.69 -9.40
C VAL C 150 8.11 39.07 -9.57
N ASP C 151 7.88 39.94 -8.58
CA ASP C 151 8.35 41.33 -8.62
C ASP C 151 8.00 42.00 -9.93
N GLY C 152 6.78 41.72 -10.42
CA GLY C 152 6.28 42.30 -11.65
C GLY C 152 6.74 41.62 -12.93
N ALA C 153 7.66 40.66 -12.86
CA ALA C 153 8.26 40.06 -14.04
C ALA C 153 7.68 38.68 -14.30
N LEU C 154 7.26 38.43 -15.55
CA LEU C 154 6.79 37.11 -15.91
C LEU C 154 7.93 36.10 -15.81
N LYS C 155 7.63 34.95 -15.21
CA LYS C 155 8.60 33.88 -15.03
C LYS C 155 8.12 32.60 -15.69
N THR C 156 9.06 31.81 -16.17
CA THR C 156 8.76 30.56 -16.85
C THR C 156 9.78 29.50 -16.44
N GLY C 157 9.38 28.24 -16.59
CA GLY C 157 10.13 27.16 -16.00
C GLY C 157 9.75 27.00 -14.54
N ASN C 158 10.33 25.98 -13.90
CA ASN C 158 10.15 25.72 -12.48
C ASN C 158 8.74 25.23 -12.15
N SER C 159 7.72 26.02 -12.48
CA SER C 159 6.36 25.70 -12.04
C SER C 159 5.88 24.38 -12.64
N GLN C 160 5.18 23.60 -11.82
CA GLN C 160 4.58 22.32 -12.19
C GLN C 160 3.09 22.33 -11.90
N GLU C 161 2.27 21.82 -12.83
CA GLU C 161 0.85 21.69 -12.57
C GLU C 161 0.44 20.24 -12.34
N SER C 162 -0.56 20.08 -11.48
CA SER C 162 -1.29 18.83 -11.35
C SER C 162 -2.77 19.16 -11.37
N VAL C 163 -3.57 18.23 -11.88
CA VAL C 163 -5.02 18.41 -11.92
C VAL C 163 -5.69 17.15 -11.44
N THR C 164 -6.78 17.31 -10.70
CA THR C 164 -7.62 16.18 -10.30
C THR C 164 -8.43 15.70 -11.51
N GLU C 165 -8.99 14.50 -11.37
CA GLU C 165 -9.98 14.06 -12.32
C GLU C 165 -11.29 14.81 -12.09
N GLN C 166 -12.12 14.86 -13.12
CA GLN C 166 -13.41 15.55 -13.00
C GLN C 166 -14.15 15.03 -11.78
N ASP C 167 -14.58 15.95 -10.92
CA ASP C 167 -15.11 15.57 -9.63
C ASP C 167 -16.44 14.82 -9.80
N SER C 168 -16.61 13.76 -9.00
CA SER C 168 -17.80 12.93 -9.14
C SER C 168 -19.06 13.66 -8.70
N LYS C 169 -18.96 14.57 -7.74
CA LYS C 169 -20.14 15.22 -7.20
C LYS C 169 -20.56 16.45 -8.00
N ASP C 170 -19.63 17.37 -8.28
CA ASP C 170 -19.98 18.62 -8.95
C ASP C 170 -19.40 18.74 -10.36
N ASN C 171 -18.66 17.73 -10.83
CA ASN C 171 -18.14 17.70 -12.20
C ASN C 171 -17.18 18.85 -12.48
N THR C 172 -16.43 19.29 -11.47
CA THR C 172 -15.45 20.34 -11.64
C THR C 172 -14.04 19.77 -11.58
N TYR C 173 -13.08 20.58 -11.98
CA TYR C 173 -11.67 20.27 -11.83
C TYR C 173 -11.02 21.23 -10.84
N SER C 174 -9.93 20.79 -10.24
CA SER C 174 -9.07 21.66 -9.47
C SER C 174 -7.64 21.48 -9.94
N LEU C 175 -6.86 22.57 -9.85
CA LEU C 175 -5.50 22.60 -10.37
C LEU C 175 -4.56 23.23 -9.36
N SER C 176 -3.40 22.59 -9.17
CA SER C 176 -2.31 23.17 -8.41
C SER C 176 -1.20 23.55 -9.36
N SER C 177 -0.60 24.72 -9.14
CA SER C 177 0.61 25.13 -9.84
C SER C 177 1.64 25.51 -8.79
N THR C 178 2.73 24.74 -8.74
CA THR C 178 3.66 24.79 -7.61
C THR C 178 5.06 25.17 -8.09
N LEU C 179 5.62 26.20 -7.47
CA LEU C 179 7.03 26.53 -7.65
C LEU C 179 7.84 25.82 -6.59
N THR C 180 9.03 25.35 -6.96
CA THR C 180 9.95 24.74 -6.03
C THR C 180 11.25 25.54 -6.04
N LEU C 181 11.59 26.14 -4.91
CA LEU C 181 12.69 27.08 -4.83
C LEU C 181 13.54 26.80 -3.60
N SER C 182 14.84 27.06 -3.74
CA SER C 182 15.69 27.08 -2.56
C SER C 182 15.28 28.25 -1.66
N SER C 183 15.51 28.07 -0.35
CA SER C 183 15.17 29.13 0.60
C SER C 183 15.88 30.43 0.25
N THR C 184 17.11 30.34 -0.28
CA THR C 184 17.86 31.54 -0.66
C THR C 184 17.20 32.23 -1.85
N GLU C 185 16.96 31.48 -2.93
CA GLU C 185 16.34 32.08 -4.11
C GLU C 185 14.93 32.59 -3.78
N TYR C 186 14.22 31.91 -2.89
CA TYR C 186 12.90 32.37 -2.48
C TYR C 186 12.97 33.75 -1.85
N GLN C 187 13.94 33.96 -0.97
CA GLN C 187 14.07 35.24 -0.28
C GLN C 187 14.73 36.30 -1.15
N SER C 188 15.15 35.98 -2.36
CA SER C 188 15.70 36.97 -3.27
C SER C 188 14.64 37.72 -4.05
N HIS C 189 13.36 37.51 -3.73
CA HIS C 189 12.26 38.24 -4.35
C HIS C 189 11.25 38.62 -3.27
N LYS C 190 10.43 39.61 -3.57
CA LYS C 190 9.45 40.11 -2.62
C LYS C 190 8.03 39.63 -2.91
N VAL C 191 7.54 39.84 -4.12
CA VAL C 191 6.14 39.59 -4.47
C VAL C 191 6.07 38.39 -5.40
N TYR C 192 5.23 37.42 -5.03
CA TYR C 192 4.91 36.27 -5.87
C TYR C 192 3.45 36.36 -6.26
N ALA C 193 3.16 36.24 -7.55
CA ALA C 193 1.80 36.37 -8.06
C ALA C 193 1.53 35.28 -9.09
N CYS C 194 0.37 34.64 -8.98
CA CYS C 194 -0.11 33.74 -10.04
C CYS C 194 -1.33 34.39 -10.69
N GLU C 195 -1.32 34.41 -12.01
CA GLU C 195 -2.34 35.08 -12.81
C GLU C 195 -3.08 34.03 -13.62
N VAL C 196 -4.40 34.01 -13.49
CA VAL C 196 -5.21 32.88 -13.94
C VAL C 196 -6.18 33.36 -15.03
N THR C 197 -6.23 32.62 -16.13
CA THR C 197 -7.15 32.89 -17.22
C THR C 197 -8.09 31.71 -17.41
N HIS C 198 -9.38 31.99 -17.57
CA HIS C 198 -10.41 30.97 -17.70
C HIS C 198 -11.63 31.58 -18.37
N GLN C 199 -12.43 30.72 -19.02
CA GLN C 199 -13.61 31.20 -19.74
C GLN C 199 -14.59 31.92 -18.83
N GLY C 200 -14.76 31.44 -17.60
CA GLY C 200 -15.59 32.08 -16.61
C GLY C 200 -15.08 33.38 -16.07
N LEU C 201 -13.94 33.86 -16.55
CA LEU C 201 -13.34 35.11 -16.07
C LEU C 201 -13.21 36.07 -17.25
N SER C 202 -13.88 37.22 -17.17
CA SER C 202 -13.81 38.20 -18.25
C SER C 202 -12.42 38.82 -18.36
N SER C 203 -11.71 38.93 -17.24
CA SER C 203 -10.34 39.42 -17.20
C SER C 203 -9.56 38.54 -16.22
N PRO C 204 -8.24 38.46 -16.37
CA PRO C 204 -7.48 37.55 -15.50
C PRO C 204 -7.57 37.95 -14.03
N VAL C 205 -7.52 36.95 -13.17
CA VAL C 205 -7.51 37.14 -11.73
C VAL C 205 -6.10 36.85 -11.24
N THR C 206 -5.50 37.81 -10.53
CA THR C 206 -4.18 37.65 -9.95
C THR C 206 -4.31 37.62 -8.43
N LYS C 207 -3.70 36.61 -7.82
CA LYS C 207 -3.56 36.56 -6.38
C LYS C 207 -2.08 36.57 -6.04
N SER C 208 -1.68 37.46 -5.13
CA SER C 208 -0.27 37.69 -4.86
C SER C 208 -0.06 37.92 -3.37
N PHE C 209 1.18 37.66 -2.93
CA PHE C 209 1.58 37.92 -1.56
C PHE C 209 2.98 38.51 -1.54
N ASN C 210 3.25 39.31 -0.53
CA ASN C 210 4.58 39.83 -0.25
C ASN C 210 5.18 39.01 0.89
N ARG C 211 6.41 38.54 0.68
CA ARG C 211 7.11 37.68 1.63
C ARG C 211 7.48 38.39 2.93
N VAL D 2 -3.84 -38.40 5.47
CA VAL D 2 -2.50 -37.88 5.70
C VAL D 2 -2.48 -37.01 6.95
N GLN D 3 -1.36 -37.05 7.66
CA GLN D 3 -1.16 -36.19 8.83
C GLN D 3 0.34 -36.01 9.02
N LEU D 4 0.73 -34.79 9.35
CA LEU D 4 2.09 -34.46 9.73
C LEU D 4 2.11 -34.00 11.17
N GLN D 5 3.23 -34.27 11.86
CA GLN D 5 3.34 -33.93 13.28
C GLN D 5 4.77 -33.52 13.58
N GLU D 6 4.95 -32.27 14.01
CA GLU D 6 6.26 -31.77 14.40
C GLU D 6 6.63 -32.24 15.80
N SER D 7 7.92 -32.47 16.01
CA SER D 7 8.41 -32.75 17.35
C SER D 7 9.83 -32.21 17.49
N GLY D 8 10.16 -31.81 18.71
CA GLY D 8 11.48 -31.30 19.00
C GLY D 8 11.48 -30.41 20.22
N PRO D 9 12.62 -29.77 20.50
CA PRO D 9 12.70 -28.88 21.67
C PRO D 9 11.76 -27.70 21.54
N GLY D 10 11.17 -27.30 22.66
CA GLY D 10 10.35 -26.11 22.72
C GLY D 10 11.19 -24.87 22.97
N VAL D 11 12.32 -25.03 23.66
CA VAL D 11 13.21 -23.93 23.99
C VAL D 11 14.61 -24.28 23.50
N VAL D 12 15.27 -23.33 22.84
CA VAL D 12 16.63 -23.52 22.37
C VAL D 12 17.44 -22.30 22.79
N LYS D 13 18.64 -22.55 23.30
CA LYS D 13 19.43 -21.42 23.74
C LYS D 13 20.09 -20.74 22.54
N PRO D 14 20.30 -19.42 22.62
CA PRO D 14 20.98 -18.72 21.53
C PRO D 14 22.31 -19.37 21.18
N SER D 15 22.64 -19.34 19.88
CA SER D 15 23.86 -19.88 19.28
C SER D 15 23.78 -21.39 19.06
N GLU D 16 22.85 -22.09 19.70
CA GLU D 16 22.75 -23.52 19.50
C GLU D 16 21.96 -23.83 18.22
N THR D 17 21.90 -25.10 17.85
CA THR D 17 21.22 -25.54 16.64
C THR D 17 19.81 -26.03 16.99
N LEU D 18 18.82 -25.57 16.22
CA LEU D 18 17.46 -26.03 16.38
C LEU D 18 17.23 -27.24 15.48
N SER D 19 16.75 -28.34 16.06
CA SER D 19 16.49 -29.56 15.32
C SER D 19 15.03 -29.96 15.53
N LEU D 20 14.32 -30.21 14.43
CA LEU D 20 12.94 -30.64 14.49
C LEU D 20 12.75 -31.84 13.57
N THR D 21 11.78 -32.68 13.93
CA THR D 21 11.42 -33.86 13.17
C THR D 21 9.94 -33.78 12.81
N CYS D 22 9.61 -34.07 11.56
CA CYS D 22 8.22 -34.16 11.12
C CYS D 22 7.87 -35.63 10.91
N GLU D 23 6.90 -36.11 11.68
CA GLU D 23 6.35 -37.45 11.50
C GLU D 23 5.33 -37.42 10.36
N VAL D 24 5.57 -38.21 9.33
CA VAL D 24 4.71 -38.23 8.14
C VAL D 24 3.86 -39.49 8.17
N SER D 25 2.54 -39.29 8.16
CA SER D 25 1.59 -40.39 8.04
C SER D 25 1.08 -40.44 6.60
N LEU D 26 1.03 -41.64 6.04
CA LEU D 26 0.50 -41.83 4.69
C LEU D 26 -0.52 -42.96 4.65
N ARG D 30 -0.24 -43.55 -2.89
CA ARG D 30 0.40 -44.80 -2.48
C ARG D 30 1.73 -45.04 -3.21
N VAL D 31 1.97 -44.33 -4.31
CA VAL D 31 3.23 -44.44 -5.03
C VAL D 31 3.60 -43.11 -5.68
N GLY D 32 4.76 -42.58 -5.32
CA GLY D 32 5.22 -41.34 -5.94
C GLY D 32 6.15 -40.50 -5.09
N SER D 33 5.92 -39.20 -5.05
CA SER D 33 6.85 -38.29 -4.40
C SER D 33 6.10 -37.09 -3.84
N TYR D 34 6.54 -36.62 -2.67
CA TYR D 34 5.94 -35.49 -1.99
C TYR D 34 6.98 -34.37 -1.87
N TYR D 35 6.50 -33.13 -1.87
CA TYR D 35 7.37 -32.01 -1.54
C TYR D 35 7.15 -31.62 -0.09
N TRP D 36 8.19 -31.77 0.72
CA TRP D 36 8.12 -31.58 2.16
C TRP D 36 8.85 -30.28 2.50
N SER D 37 8.18 -29.40 3.24
CA SER D 37 8.73 -28.09 3.56
C SER D 37 8.56 -27.80 5.04
N TRP D 38 9.37 -26.85 5.51
CA TRP D 38 9.22 -26.26 6.83
C TRP D 38 8.82 -24.80 6.64
N ILE D 39 7.71 -24.42 7.24
CA ILE D 39 7.21 -23.05 7.16
C ILE D 39 7.02 -22.56 8.59
N ARG D 40 7.65 -21.44 8.93
CA ARG D 40 7.59 -20.90 10.27
C ARG D 40 6.86 -19.56 10.26
N GLN D 41 6.36 -19.18 11.44
CA GLN D 41 5.57 -17.96 11.57
C GLN D 41 5.73 -17.42 12.99
N SER D 42 6.29 -16.23 13.11
CA SER D 42 6.44 -15.59 14.41
C SER D 42 5.19 -14.77 14.75
N GLN D 43 5.07 -14.43 16.03
CA GLN D 43 3.89 -13.73 16.54
C GLN D 43 3.65 -12.44 15.76
N GLY D 44 2.42 -12.28 15.27
CA GLY D 44 2.03 -11.09 14.56
C GLY D 44 2.62 -10.93 13.18
N GLN D 45 3.27 -11.96 12.64
CA GLN D 45 3.94 -11.88 11.35
C GLN D 45 3.37 -12.91 10.39
N ARG D 46 3.72 -12.74 9.11
CA ARG D 46 3.30 -13.68 8.08
C ARG D 46 4.16 -14.93 8.12
N PRO D 47 3.69 -16.04 7.53
CA PRO D 47 4.53 -17.22 7.43
C PRO D 47 5.73 -16.97 6.52
N GLU D 48 6.78 -17.75 6.77
CA GLU D 48 8.01 -17.69 5.99
C GLU D 48 8.40 -19.11 5.62
N TRP D 49 8.44 -19.39 4.32
CA TRP D 49 8.94 -20.67 3.82
C TRP D 49 10.45 -20.74 4.01
N MET D 50 10.90 -21.78 4.71
CA MET D 50 12.32 -21.92 5.04
C MET D 50 13.06 -22.75 4.00
N GLY D 51 12.39 -23.75 3.46
CA GLY D 51 13.04 -24.68 2.56
C GLY D 51 12.16 -25.89 2.35
N GLY D 52 12.53 -26.67 1.34
CA GLY D 52 11.74 -27.82 0.97
C GLY D 52 12.60 -28.87 0.33
N LEU D 53 11.99 -30.02 0.06
CA LEU D 53 12.70 -31.16 -0.47
C LEU D 53 11.68 -32.12 -1.09
N TYR D 54 12.10 -32.78 -2.18
CA TYR D 54 11.31 -33.86 -2.77
C TYR D 54 11.71 -35.17 -2.10
N SER D 55 10.71 -35.95 -1.69
CA SER D 55 10.99 -37.14 -0.90
C SER D 55 11.73 -38.22 -1.70
N ASP D 56 11.47 -38.32 -3.01
CA ASP D 56 12.06 -39.42 -3.77
C ASP D 56 13.54 -39.20 -4.04
N THR D 57 13.93 -37.97 -4.38
CA THR D 57 15.34 -37.65 -4.63
C THR D 57 16.04 -37.05 -3.43
N GLY D 58 15.31 -36.39 -2.54
CA GLY D 58 15.95 -35.65 -1.47
C GLY D 58 16.51 -34.30 -1.88
N ASN D 59 16.43 -33.94 -3.16
CA ASN D 59 16.95 -32.66 -3.63
C ASN D 59 16.22 -31.51 -2.95
N THR D 60 16.98 -30.51 -2.51
CA THR D 60 16.49 -29.47 -1.63
C THR D 60 16.45 -28.11 -2.31
N ASP D 61 15.59 -27.24 -1.79
CA ASP D 61 15.62 -25.81 -2.05
C ASP D 61 15.57 -25.08 -0.72
N TYR D 62 16.38 -24.04 -0.59
CA TYR D 62 16.44 -23.27 0.65
C TYR D 62 16.12 -21.80 0.37
N ASN D 63 15.49 -21.16 1.35
CA ASN D 63 15.26 -19.72 1.28
C ASN D 63 16.59 -19.00 1.44
N PRO D 64 16.98 -18.14 0.49
CA PRO D 64 18.24 -17.41 0.65
C PRO D 64 18.31 -16.55 1.91
N SER D 65 17.17 -16.23 2.54
CA SER D 65 17.22 -15.49 3.79
C SER D 65 17.77 -16.32 4.93
N LEU D 66 17.99 -17.62 4.73
CA LEU D 66 18.54 -18.50 5.74
C LEU D 66 19.68 -19.37 5.25
N LYS D 67 20.02 -19.31 3.96
CA LYS D 67 20.60 -20.46 3.26
C LYS D 67 21.82 -21.06 3.96
N SER D 68 22.64 -20.23 4.60
CA SER D 68 23.83 -20.77 5.25
C SER D 68 23.46 -21.64 6.45
N ARG D 69 22.47 -21.23 7.23
CA ARG D 69 22.21 -21.87 8.51
C ARG D 69 21.22 -23.02 8.45
N VAL D 70 20.55 -23.25 7.32
CA VAL D 70 19.43 -24.18 7.25
C VAL D 70 19.85 -25.46 6.51
N SER D 71 19.35 -26.60 7.00
CA SER D 71 19.54 -27.88 6.34
C SER D 71 18.26 -28.69 6.44
N LEU D 72 17.92 -29.38 5.35
CA LEU D 72 16.76 -30.26 5.32
C LEU D 72 17.22 -31.64 4.84
N SER D 73 16.54 -32.68 5.35
CA SER D 73 16.81 -34.05 4.93
C SER D 73 15.61 -34.91 5.31
N ARG D 74 15.63 -36.16 4.88
CA ARG D 74 14.52 -37.05 5.13
C ARG D 74 15.01 -38.49 5.22
N ASP D 75 14.23 -39.32 5.90
CA ASP D 75 14.49 -40.75 6.04
C ASP D 75 13.20 -41.48 5.67
N MET D 76 13.17 -42.07 4.47
CA MET D 76 11.94 -42.71 3.99
C MET D 76 11.57 -43.91 4.85
N SER D 77 12.56 -44.69 5.28
CA SER D 77 12.28 -45.88 6.08
C SER D 77 11.58 -45.53 7.38
N LYS D 78 11.89 -44.39 7.98
CA LYS D 78 11.24 -43.97 9.20
C LYS D 78 10.04 -43.06 8.96
N LYS D 79 9.77 -42.68 7.70
CA LYS D 79 8.72 -41.71 7.38
C LYS D 79 8.91 -40.42 8.16
N GLN D 80 10.15 -39.94 8.21
CA GLN D 80 10.49 -38.69 8.88
C GLN D 80 11.25 -37.79 7.92
N PHE D 81 11.09 -36.49 8.10
CA PHE D 81 11.96 -35.52 7.45
C PHE D 81 12.26 -34.41 8.45
N PHE D 82 13.41 -33.75 8.25
CA PHE D 82 14.09 -33.06 9.32
C PHE D 82 14.40 -31.62 8.94
N LEU D 83 14.43 -30.76 9.96
CA LEU D 83 14.93 -29.41 9.84
C LEU D 83 16.09 -29.22 10.81
N ASN D 84 17.19 -28.65 10.32
CA ASN D 84 18.24 -28.15 11.19
C ASN D 84 18.45 -26.67 10.91
N LEU D 85 18.42 -25.87 11.97
CA LEU D 85 18.66 -24.43 11.89
C LEU D 85 19.78 -24.09 12.87
N ARG D 86 20.94 -23.75 12.34
CA ARG D 86 22.13 -23.53 13.15
C ARG D 86 22.18 -22.09 13.64
N SER D 87 22.91 -21.90 14.75
CA SER D 87 23.27 -20.57 15.26
C SER D 87 22.04 -19.68 15.47
N VAL D 88 21.05 -20.19 16.20
CA VAL D 88 19.79 -19.47 16.32
C VAL D 88 19.97 -18.22 17.18
N THR D 89 19.18 -17.20 16.89
CA THR D 89 19.06 -15.99 17.68
C THR D 89 17.61 -15.83 18.12
N ALA D 90 17.35 -14.78 18.91
CA ALA D 90 16.01 -14.57 19.44
C ALA D 90 14.97 -14.42 18.34
N THR D 91 15.35 -13.86 17.19
CA THR D 91 14.38 -13.67 16.11
C THR D 91 14.01 -14.97 15.41
N ASP D 92 14.65 -16.09 15.75
CA ASP D 92 14.20 -17.38 15.26
C ASP D 92 13.06 -17.96 16.09
N THR D 93 12.65 -17.28 17.16
CA THR D 93 11.43 -17.65 17.88
C THR D 93 10.25 -17.58 16.92
N ALA D 94 9.51 -18.69 16.83
CA ALA D 94 8.40 -18.80 15.87
C ALA D 94 7.68 -20.11 16.14
N VAL D 95 6.53 -20.27 15.51
CA VAL D 95 5.90 -21.58 15.38
C VAL D 95 6.38 -22.19 14.08
N TYR D 96 6.82 -23.45 14.14
CA TYR D 96 7.39 -24.15 13.00
C TYR D 96 6.41 -25.22 12.53
N PHE D 97 6.02 -25.14 11.26
CA PHE D 97 5.13 -26.11 10.63
C PHE D 97 5.91 -26.94 9.63
N CYS D 98 5.68 -28.24 9.60
CA CYS D 98 6.05 -29.05 8.46
C CYS D 98 4.83 -29.20 7.57
N VAL D 99 5.02 -29.09 6.26
CA VAL D 99 3.90 -29.11 5.33
C VAL D 99 4.27 -29.93 4.12
N SER D 100 3.31 -30.69 3.62
CA SER D 100 3.47 -31.54 2.45
C SER D 100 2.60 -31.02 1.32
N ARG D 101 3.20 -30.83 0.16
CA ARG D 101 2.51 -30.36 -1.04
C ARG D 101 2.69 -31.41 -2.13
N TYR D 102 1.58 -31.87 -2.70
CA TYR D 102 1.64 -32.94 -3.70
C TYR D 102 0.27 -33.14 -4.31
N VAL D 103 0.22 -33.40 -5.61
CA VAL D 103 -1.03 -33.70 -6.28
C VAL D 103 -1.22 -35.22 -6.28
N ASP D 104 -2.40 -35.66 -5.84
CA ASP D 104 -2.78 -37.07 -5.90
C ASP D 104 -3.45 -37.30 -7.24
N HIS D 105 -2.65 -37.71 -8.23
CA HIS D 105 -3.15 -37.88 -9.59
C HIS D 105 -4.20 -38.99 -9.69
N TRP D 106 -4.35 -39.79 -8.64
CA TRP D 106 -5.45 -40.74 -8.57
C TRP D 106 -6.79 -40.01 -8.55
N THR D 107 -6.96 -39.05 -7.63
CA THR D 107 -8.24 -38.39 -7.43
C THR D 107 -8.25 -36.95 -7.95
N ASN D 108 -7.21 -36.52 -8.64
CA ASN D 108 -7.11 -35.13 -9.12
C ASN D 108 -7.31 -34.14 -7.98
N ARG D 109 -6.80 -34.48 -6.80
CA ARG D 109 -6.83 -33.61 -5.64
C ARG D 109 -5.44 -33.05 -5.35
N ARG D 110 -5.38 -31.79 -4.92
CA ARG D 110 -4.13 -31.06 -4.86
C ARG D 110 -3.36 -31.25 -3.55
N PHE D 111 -4.05 -31.46 -2.43
CA PHE D 111 -3.45 -31.76 -1.11
C PHE D 111 -2.40 -30.76 -0.61
N ASP D 112 -2.68 -30.18 0.57
CA ASP D 112 -1.86 -29.15 1.19
C ASP D 112 -1.93 -29.37 2.70
N VAL D 113 -1.08 -30.28 3.20
CA VAL D 113 -1.20 -30.82 4.54
C VAL D 113 -0.20 -30.13 5.47
N TRP D 114 -0.70 -29.55 6.55
CA TRP D 114 0.12 -28.87 7.54
C TRP D 114 0.06 -29.63 8.86
N GLY D 115 1.17 -29.62 9.58
CA GLY D 115 1.15 -30.07 10.95
C GLY D 115 0.45 -29.07 11.84
N PRO D 116 0.20 -29.42 13.10
CA PRO D 116 -0.39 -28.45 14.02
C PRO D 116 0.55 -27.33 14.41
N GLY D 117 1.86 -27.48 14.19
CA GLY D 117 2.81 -26.44 14.51
C GLY D 117 3.46 -26.61 15.87
N ALA D 118 4.77 -26.37 15.94
CA ALA D 118 5.53 -26.48 17.17
C ALA D 118 6.13 -25.12 17.50
N GLN D 119 5.76 -24.55 18.65
CA GLN D 119 6.36 -23.30 19.09
C GLN D 119 7.78 -23.57 19.57
N VAL D 120 8.73 -22.81 19.03
CA VAL D 120 10.11 -22.82 19.50
C VAL D 120 10.43 -21.42 19.99
N THR D 121 11.04 -21.31 21.17
CA THR D 121 11.43 -20.03 21.72
C THR D 121 12.94 -20.03 21.95
N VAL D 122 13.61 -19.02 21.41
CA VAL D 122 15.06 -18.89 21.54
C VAL D 122 15.34 -17.92 22.67
N THR D 123 15.87 -18.45 23.78
CA THR D 123 16.13 -17.60 24.94
C THR D 123 17.13 -18.31 25.85
N SER D 124 17.88 -17.50 26.60
CA SER D 124 18.73 -18.03 27.66
C SER D 124 17.98 -18.26 28.95
N ALA D 125 16.73 -17.82 29.04
CA ALA D 125 16.03 -17.78 30.32
C ALA D 125 15.84 -19.17 30.90
N SER D 126 15.92 -19.25 32.22
CA SER D 126 15.45 -20.38 33.00
C SER D 126 14.12 -20.00 33.65
N THR D 127 13.53 -20.95 34.37
CA THR D 127 12.27 -20.69 35.04
C THR D 127 12.44 -19.60 36.09
N LYS D 128 11.58 -18.58 36.02
CA LYS D 128 11.74 -17.40 36.86
C LYS D 128 10.38 -16.72 37.04
N GLY D 129 10.14 -16.24 38.26
CA GLY D 129 8.92 -15.54 38.57
C GLY D 129 8.95 -14.09 38.12
N PRO D 130 7.78 -13.52 37.90
CA PRO D 130 7.70 -12.14 37.40
C PRO D 130 7.90 -11.12 38.52
N SER D 131 8.34 -9.93 38.11
CA SER D 131 8.26 -8.73 38.94
C SER D 131 6.98 -8.00 38.55
N VAL D 132 6.23 -7.55 39.55
CA VAL D 132 4.94 -6.90 39.32
C VAL D 132 5.04 -5.45 39.76
N PHE D 133 4.71 -4.54 38.85
CA PHE D 133 4.74 -3.11 39.11
C PHE D 133 3.36 -2.53 38.88
N PRO D 134 2.80 -1.80 39.84
CA PRO D 134 1.50 -1.16 39.61
C PRO D 134 1.63 -0.08 38.55
N LEU D 135 0.60 0.00 37.70
CA LEU D 135 0.46 1.09 36.75
C LEU D 135 -0.57 2.04 37.35
N ALA D 136 -0.08 3.13 37.93
CA ALA D 136 -0.92 4.01 38.73
C ALA D 136 -1.60 5.07 37.86
N PRO D 137 -2.88 5.31 38.10
CA PRO D 137 -3.55 6.43 37.43
C PRO D 137 -2.98 7.74 37.93
N SER D 138 -2.57 8.60 37.00
CA SER D 138 -1.97 9.87 37.36
C SER D 138 -2.95 10.70 38.19
N SER D 139 -2.39 11.52 39.09
CA SER D 139 -3.22 12.32 39.99
C SER D 139 -4.08 13.32 39.22
N ARG D 140 -3.52 13.91 38.16
CA ARG D 140 -4.25 14.90 37.37
C ARG D 140 -5.39 14.28 36.58
N SER D 141 -5.34 12.96 36.32
CA SER D 141 -6.32 12.31 35.45
C SER D 141 -7.63 12.04 36.17
N THR D 142 -7.90 12.82 37.22
CA THR D 142 -9.16 12.72 37.94
C THR D 142 -10.24 13.65 37.41
N SER D 143 -9.90 14.51 36.42
CA SER D 143 -10.91 15.37 35.83
C SER D 143 -11.87 14.58 34.95
N GLU D 144 -11.40 13.54 34.27
CA GLU D 144 -12.26 12.68 33.48
C GLU D 144 -13.14 11.82 34.40
N SER D 145 -14.14 11.18 33.80
CA SER D 145 -15.08 10.36 34.54
C SER D 145 -14.65 8.91 34.68
N THR D 146 -13.78 8.43 33.79
CA THR D 146 -13.29 7.05 33.84
C THR D 146 -11.80 7.05 34.10
N ALA D 147 -11.36 6.18 35.01
CA ALA D 147 -9.96 6.05 35.38
C ALA D 147 -9.41 4.72 34.89
N ALA D 148 -8.11 4.71 34.59
CA ALA D 148 -7.42 3.52 34.14
C ALA D 148 -6.25 3.22 35.08
N LEU D 149 -6.20 2.00 35.58
CA LEU D 149 -5.07 1.53 36.37
C LEU D 149 -4.69 0.14 35.90
N GLY D 150 -3.51 -0.32 36.29
CA GLY D 150 -3.06 -1.59 35.80
C GLY D 150 -1.90 -2.15 36.58
N CYS D 151 -1.37 -3.27 36.08
CA CYS D 151 -0.21 -3.93 36.65
C CYS D 151 0.69 -4.39 35.50
N LEU D 152 1.97 -4.11 35.62
CA LEU D 152 2.97 -4.56 34.67
C LEU D 152 3.60 -5.84 35.22
N VAL D 153 3.48 -6.93 34.46
CA VAL D 153 3.97 -8.25 34.86
C VAL D 153 5.15 -8.58 33.97
N LYS D 154 6.35 -8.54 34.55
CA LYS D 154 7.58 -8.40 33.78
C LYS D 154 8.61 -9.45 34.19
N ASP D 155 9.41 -9.89 33.21
CA ASP D 155 10.62 -10.69 33.45
C ASP D 155 10.30 -12.05 34.05
N TYR D 156 9.38 -12.78 33.42
CA TYR D 156 9.06 -14.14 33.83
C TYR D 156 9.28 -15.12 32.69
N PHE D 157 9.51 -16.38 33.05
CA PHE D 157 9.65 -17.45 32.07
C PHE D 157 9.31 -18.77 32.73
N PRO D 158 8.63 -19.68 32.03
CA PRO D 158 8.02 -19.51 30.71
C PRO D 158 6.58 -19.02 30.81
N GLU D 159 5.84 -19.04 29.70
CA GLU D 159 4.42 -18.81 29.78
C GLU D 159 3.75 -19.97 30.52
N PRO D 160 2.55 -19.74 31.08
CA PRO D 160 1.78 -18.51 31.12
C PRO D 160 1.71 -17.86 32.49
N VAL D 161 1.10 -16.68 32.54
CA VAL D 161 0.79 -15.96 33.76
C VAL D 161 -0.69 -15.61 33.72
N THR D 162 -1.40 -15.87 34.80
CA THR D 162 -2.80 -15.48 34.94
C THR D 162 -2.90 -14.26 35.84
N VAL D 163 -3.77 -13.32 35.47
CA VAL D 163 -3.94 -12.07 36.20
C VAL D 163 -5.43 -11.89 36.49
N SER D 164 -5.77 -11.66 37.75
CA SER D 164 -7.12 -11.33 38.17
C SER D 164 -7.09 -10.03 38.95
N TRP D 165 -8.28 -9.47 39.20
CA TRP D 165 -8.40 -8.21 39.92
C TRP D 165 -9.38 -8.39 41.07
N ASN D 166 -8.93 -8.01 42.28
CA ASN D 166 -9.75 -8.12 43.49
C ASN D 166 -10.20 -9.56 43.71
N SER D 167 -9.26 -10.49 43.54
CA SER D 167 -9.48 -11.92 43.77
C SER D 167 -10.59 -12.49 42.89
N GLY D 168 -10.81 -11.87 41.72
CA GLY D 168 -11.73 -12.38 40.74
C GLY D 168 -13.08 -11.67 40.71
N SER D 169 -13.36 -10.81 41.69
CA SER D 169 -14.63 -10.11 41.72
C SER D 169 -14.71 -9.01 40.68
N LEU D 170 -13.57 -8.49 40.22
CA LEU D 170 -13.53 -7.46 39.20
C LEU D 170 -13.21 -8.11 37.86
N THR D 171 -14.17 -8.08 36.93
CA THR D 171 -14.00 -8.71 35.62
C THR D 171 -14.41 -7.76 34.51
N SER D 172 -15.40 -6.92 34.79
CA SER D 172 -15.86 -5.94 33.81
C SER D 172 -14.77 -4.90 33.56
N GLY D 173 -14.41 -4.73 32.29
CA GLY D 173 -13.43 -3.74 31.91
C GLY D 173 -11.98 -4.17 32.05
N VAL D 174 -11.73 -5.43 32.32
CA VAL D 174 -10.36 -5.93 32.51
C VAL D 174 -9.81 -6.36 31.17
N HIS D 175 -8.60 -5.90 30.85
CA HIS D 175 -7.87 -6.30 29.65
C HIS D 175 -6.49 -6.76 30.05
N THR D 176 -6.18 -8.03 29.80
CA THR D 176 -4.85 -8.57 30.01
C THR D 176 -4.26 -8.86 28.64
N PHE D 177 -3.22 -8.12 28.28
CA PHE D 177 -2.69 -8.21 26.93
C PHE D 177 -1.80 -9.44 26.76
N PRO D 178 -1.74 -9.99 25.54
CA PRO D 178 -0.85 -11.13 25.30
C PRO D 178 0.58 -10.82 25.68
N ALA D 179 1.31 -11.85 26.10
CA ALA D 179 2.70 -11.68 26.46
C ALA D 179 3.56 -11.51 25.22
N VAL D 180 4.66 -10.76 25.37
CA VAL D 180 5.62 -10.55 24.31
C VAL D 180 7.00 -10.87 24.85
N LEU D 181 7.77 -11.63 24.07
CA LEU D 181 9.15 -11.93 24.46
C LEU D 181 10.01 -10.69 24.36
N GLN D 182 10.79 -10.44 25.40
CA GLN D 182 11.63 -9.26 25.49
C GLN D 182 13.07 -9.60 25.09
N SER D 183 13.86 -8.55 24.85
CA SER D 183 15.27 -8.73 24.52
C SER D 183 16.00 -9.48 25.63
N SER D 184 15.56 -9.31 26.88
CA SER D 184 16.12 -10.07 27.99
C SER D 184 15.92 -11.57 27.86
N GLY D 185 15.10 -12.02 26.91
CA GLY D 185 14.74 -13.42 26.82
C GLY D 185 13.64 -13.85 27.77
N LEU D 186 12.97 -12.91 28.41
CA LEU D 186 11.84 -13.19 29.30
C LEU D 186 10.61 -12.47 28.80
N TYR D 187 9.45 -12.86 29.35
CA TYR D 187 8.16 -12.35 28.91
C TYR D 187 7.73 -11.13 29.73
N SER D 188 6.84 -10.33 29.14
CA SER D 188 6.25 -9.18 29.80
C SER D 188 4.86 -8.92 29.26
N LEU D 189 3.98 -8.45 30.12
CA LEU D 189 2.64 -8.03 29.72
C LEU D 189 2.12 -7.04 30.73
N SER D 190 1.01 -6.39 30.37
CA SER D 190 0.26 -5.54 31.28
C SER D 190 -1.17 -6.02 31.37
N SER D 191 -1.77 -5.90 32.55
CA SER D 191 -3.19 -6.06 32.73
C SER D 191 -3.73 -4.74 33.25
N VAL D 192 -4.82 -4.25 32.63
CA VAL D 192 -5.41 -2.97 32.98
C VAL D 192 -6.90 -3.17 33.22
N VAL D 193 -7.52 -2.21 33.89
CA VAL D 193 -8.97 -2.21 34.04
C VAL D 193 -9.45 -0.76 34.13
N THR D 194 -10.61 -0.50 33.55
CA THR D 194 -11.26 0.80 33.61
C THR D 194 -12.31 0.79 34.71
N VAL D 195 -12.26 1.80 35.58
CA VAL D 195 -13.11 1.85 36.77
C VAL D 195 -13.60 3.28 36.93
N PRO D 196 -14.74 3.47 37.61
CA PRO D 196 -15.23 4.83 37.85
C PRO D 196 -14.25 5.63 38.69
N SER D 197 -13.88 6.81 38.19
CA SER D 197 -12.90 7.64 38.89
C SER D 197 -13.40 8.10 40.25
N SER D 198 -14.72 8.07 40.48
CA SER D 198 -15.25 8.37 41.80
C SER D 198 -14.98 7.24 42.79
N SER D 199 -14.79 6.02 42.28
CA SER D 199 -14.48 4.88 43.15
C SER D 199 -13.04 4.92 43.65
N LEU D 200 -12.19 5.79 43.11
CA LEU D 200 -10.84 5.96 43.64
C LEU D 200 -10.93 6.55 45.03
N GLY D 201 -10.36 5.85 46.02
CA GLY D 201 -10.43 6.24 47.40
C GLY D 201 -11.41 5.44 48.22
N THR D 202 -12.47 4.94 47.59
CA THR D 202 -13.43 4.05 48.25
C THR D 202 -13.29 2.60 47.81
N GLN D 203 -12.60 2.33 46.71
CA GLN D 203 -12.33 0.98 46.25
C GLN D 203 -10.88 0.64 46.50
N THR D 204 -10.65 -0.60 46.90
CA THR D 204 -9.30 -1.17 46.92
C THR D 204 -9.13 -1.98 45.65
N TYR D 205 -8.02 -1.74 44.93
CA TYR D 205 -7.74 -2.42 43.68
C TYR D 205 -6.43 -3.19 43.83
N VAL D 206 -6.51 -4.51 43.69
CA VAL D 206 -5.36 -5.39 43.80
C VAL D 206 -5.35 -6.29 42.58
N CYS D 207 -4.20 -6.36 41.90
CA CYS D 207 -4.02 -7.35 40.85
C CYS D 207 -3.38 -8.59 41.45
N ASN D 208 -3.95 -9.75 41.14
CA ASN D 208 -3.47 -11.03 41.65
C ASN D 208 -2.80 -11.77 40.51
N VAL D 209 -1.47 -11.87 40.57
CA VAL D 209 -0.67 -12.48 39.51
C VAL D 209 -0.31 -13.90 39.93
N ASN D 210 -0.59 -14.85 39.04
CA ASN D 210 -0.30 -16.26 39.28
C ASN D 210 0.59 -16.76 38.16
N HIS D 211 1.75 -17.30 38.53
CA HIS D 211 2.68 -17.96 37.61
C HIS D 211 3.00 -19.30 38.26
N LYS D 212 2.51 -20.40 37.66
CA LYS D 212 2.82 -21.73 38.18
C LYS D 212 4.29 -22.08 38.00
N PRO D 213 4.92 -21.87 36.83
CA PRO D 213 6.26 -22.44 36.57
C PRO D 213 7.30 -22.20 37.67
N SER D 214 7.33 -21.02 38.29
CA SER D 214 8.19 -20.82 39.45
C SER D 214 7.38 -20.87 40.74
N ASN D 215 6.11 -21.27 40.66
CA ASN D 215 5.17 -21.23 41.79
C ASN D 215 5.22 -19.88 42.49
N THR D 216 5.00 -18.84 41.70
CA THR D 216 5.02 -17.46 42.19
C THR D 216 3.62 -16.86 42.07
N LYS D 217 3.05 -16.47 43.20
CA LYS D 217 1.80 -15.73 43.24
C LYS D 217 2.04 -14.41 43.95
N VAL D 218 1.68 -13.31 43.31
CA VAL D 218 1.96 -11.97 43.81
C VAL D 218 0.66 -11.17 43.82
N ASP D 219 0.36 -10.54 44.95
CA ASP D 219 -0.74 -9.61 45.08
C ASP D 219 -0.17 -8.22 45.26
N LYS D 220 -0.65 -7.26 44.47
CA LYS D 220 -0.08 -5.93 44.41
C LYS D 220 -1.19 -4.90 44.48
N ARG D 221 -1.17 -4.07 45.51
CA ARG D 221 -2.16 -3.00 45.63
C ARG D 221 -1.84 -1.89 44.64
N VAL D 222 -2.88 -1.37 43.99
CA VAL D 222 -2.76 -0.35 42.98
C VAL D 222 -3.55 0.87 43.45
N GLU D 223 -2.84 1.93 43.81
CA GLU D 223 -3.46 3.12 44.37
C GLU D 223 -2.96 4.37 43.65
N ILE D 224 -3.71 5.45 43.80
CA ILE D 224 -3.32 6.76 43.27
C ILE D 224 -2.06 7.25 43.97
N LYS D 225 -1.42 8.27 43.40
CA LYS D 225 -0.24 8.89 43.99
C LYS D 225 -0.59 10.30 44.46
N THR D 226 -1.00 10.41 45.72
CA THR D 226 -1.25 11.72 46.31
C THR D 226 0.07 12.46 46.51
N CYS D 227 0.11 13.72 46.11
CA CYS D 227 1.26 14.58 46.37
C CYS D 227 1.02 15.44 47.61
N ALA E 1 3.17 -23.98 -9.03
CA ALA E 1 3.75 -24.78 -10.11
C ALA E 1 5.06 -25.41 -9.66
N VAL E 2 5.67 -24.80 -8.65
CA VAL E 2 6.98 -25.19 -8.15
C VAL E 2 6.81 -25.73 -6.73
N GLY E 3 7.59 -26.76 -6.39
CA GLY E 3 7.55 -27.38 -5.07
C GLY E 3 6.30 -28.18 -4.78
N ILE E 4 5.90 -29.06 -5.71
CA ILE E 4 4.70 -29.88 -5.55
C ILE E 4 5.01 -31.27 -6.10
N GLY E 5 4.87 -32.29 -5.26
CA GLY E 5 5.10 -33.65 -5.66
C GLY E 5 3.90 -34.25 -6.39
N ALA E 6 4.03 -35.53 -6.73
CA ALA E 6 2.98 -36.24 -7.46
C ALA E 6 2.92 -37.68 -6.98
N VAL E 7 1.71 -38.15 -6.72
CA VAL E 7 1.46 -39.52 -6.27
C VAL E 7 0.45 -40.16 -7.22
N PHE E 8 0.62 -41.45 -7.47
CA PHE E 8 -0.21 -42.18 -8.42
C PHE E 8 -0.79 -43.47 -7.82
N ALA F 1 0.24 0.23 -41.98
CA ALA F 1 0.96 -0.25 -43.15
C ALA F 1 2.20 -1.02 -42.76
N VAL F 2 2.62 -0.86 -41.51
CA VAL F 2 3.81 -1.51 -41.01
C VAL F 2 3.52 -2.11 -39.64
N GLY F 3 4.35 -3.06 -39.25
CA GLY F 3 4.22 -3.66 -37.93
C GLY F 3 2.91 -4.37 -37.68
N ILE F 4 2.47 -5.19 -38.63
CA ILE F 4 1.29 -6.03 -38.47
C ILE F 4 1.62 -7.41 -39.03
N GLY F 5 1.56 -8.43 -38.17
CA GLY F 5 1.86 -9.80 -38.56
C GLY F 5 0.74 -10.43 -39.38
N ALA F 6 0.76 -11.76 -39.43
CA ALA F 6 -0.24 -12.52 -40.16
C ALA F 6 -0.25 -13.96 -39.67
N VAL F 7 -1.41 -14.49 -39.34
CA VAL F 7 -1.54 -15.90 -38.98
C VAL F 7 -2.55 -16.56 -39.91
N PHE F 8 -2.32 -17.85 -40.15
CA PHE F 8 -3.14 -18.60 -41.08
C PHE F 8 -3.56 -19.89 -40.39
#